data_4PTG
#
_entry.id   4PTG
#
_cell.length_a   81.197
_cell.length_b   83.372
_cell.length_c   177.416
_cell.angle_alpha   90.00
_cell.angle_beta   90.00
_cell.angle_gamma   90.00
#
_symmetry.space_group_name_H-M   'P 21 21 21'
#
loop_
_entity.id
_entity.type
_entity.pdbx_description
1 polymer 'Glycogen synthase kinase-3 beta'
2 non-polymer 2-{2-[(cyclopropylcarbonyl)amino]pyridin-4-yl}-4-methoxypyrimidine-5-carboxamide
3 water water
#
_entity_poly.entity_id   1
_entity_poly.type   'polypeptide(L)'
_entity_poly.pdbx_seq_one_letter_code
;MHSSHHHHHHSSGENLYFQGHMSGRPRTTSFAESCKPVQQPSAFGSMKVSRDKDGSKVTTVVATPGQGPDRPQEVSYTDT
KVIGNGSFGVVYQAKLCDSGELVAIKKVLQDKRFKNRELQIMRKLDHCNIVRLRYFFYSSGEKKDEVYLNLVLDYVPETV
YRVARHYSRAKQTLPVIYVKLYMYQLFRSLAYIHSFGICHRDIKPQNLLLDPDTAVLKLCDFGSAKQLVRGEPNVSYICS
RYYRAPELIFGATDYTSSIDVWSAGCVLAELLLGQPIFPGDSGVDQLVEIIKVLGTPTREQIREMNPNYTEFKFPQIKAH
PWTKVFRPRTPPEAIALCSRLLEYTPTARLTPLEACAHSFFDELRDPNVKLPNGRDTPALFNFTTQELSSNPPLATILIP
PHARIQAAASTPTNATAASDANTGDRGQTNNAASASASNST
;
_entity_poly.pdbx_strand_id   A,B
#
# COMPACT_ATOMS: atom_id res chain seq x y z
N LYS A 57 16.40 -35.03 0.84
CA LYS A 57 15.86 -35.94 1.85
C LYS A 57 16.19 -35.42 3.25
N VAL A 58 17.38 -35.73 3.73
CA VAL A 58 17.77 -35.32 5.06
C VAL A 58 18.88 -34.28 5.02
N THR A 59 18.62 -33.13 5.62
CA THR A 59 19.60 -32.06 5.72
C THR A 59 20.16 -31.99 7.15
N THR A 60 21.48 -32.01 7.27
CA THR A 60 22.13 -31.92 8.56
C THR A 60 22.98 -30.66 8.62
N VAL A 61 22.69 -29.77 9.57
CA VAL A 61 23.48 -28.55 9.70
C VAL A 61 24.09 -28.43 11.08
N VAL A 62 25.09 -27.57 11.20
CA VAL A 62 25.57 -27.21 12.51
C VAL A 62 25.03 -25.85 12.90
N ALA A 63 24.08 -25.87 13.84
CA ALA A 63 23.30 -24.70 14.20
C ALA A 63 23.50 -24.30 15.66
N THR A 64 23.46 -22.99 15.89
CA THR A 64 23.57 -22.42 17.22
C THR A 64 22.19 -22.29 17.86
N PRO A 65 22.02 -22.80 19.09
CA PRO A 65 20.72 -22.64 19.77
C PRO A 65 20.36 -21.18 19.92
N GLY A 66 19.09 -20.86 19.75
CA GLY A 66 18.61 -19.49 19.83
C GLY A 66 18.91 -18.84 21.16
N GLN A 67 18.45 -19.48 22.23
CA GLN A 67 18.73 -19.01 23.57
C GLN A 67 19.99 -19.70 24.11
N GLY A 68 20.44 -19.30 25.28
CA GLY A 68 21.59 -19.95 25.91
C GLY A 68 22.90 -19.64 25.23
N PRO A 69 24.00 -20.20 25.75
CA PRO A 69 25.33 -19.85 25.27
C PRO A 69 25.62 -20.35 23.85
N ASP A 70 26.62 -19.75 23.23
CA ASP A 70 26.96 -20.02 21.84
C ASP A 70 27.67 -21.37 21.66
N ARG A 71 26.92 -22.46 21.76
CA ARG A 71 27.49 -23.79 21.56
C ARG A 71 26.70 -24.58 20.51
N PRO A 72 27.25 -24.62 19.29
CA PRO A 72 26.51 -25.17 18.16
C PRO A 72 26.37 -26.68 18.24
N GLN A 73 25.33 -27.20 17.60
CA GLN A 73 25.16 -28.64 17.56
C GLN A 73 24.62 -29.07 16.20
N GLU A 74 24.85 -30.35 15.90
CA GLU A 74 24.34 -30.91 14.67
C GLU A 74 22.83 -31.04 14.79
N VAL A 75 22.12 -30.48 13.82
CA VAL A 75 20.67 -30.58 13.77
C VAL A 75 20.26 -31.11 12.41
N SER A 76 19.39 -32.12 12.42
CA SER A 76 18.96 -32.74 11.18
C SER A 76 17.48 -32.50 10.94
N TYR A 77 17.15 -32.00 9.75
CA TYR A 77 15.76 -31.80 9.38
C TYR A 77 15.43 -32.41 8.03
N THR A 78 14.13 -32.52 7.75
CA THR A 78 13.64 -33.15 6.54
C THR A 78 12.28 -32.58 6.13
N ASP A 79 11.72 -33.14 5.06
CA ASP A 79 10.43 -32.70 4.49
C ASP A 79 10.35 -31.20 4.29
N THR A 80 11.37 -30.63 3.68
CA THR A 80 11.45 -29.19 3.47
C THR A 80 10.53 -28.73 2.35
N LYS A 81 9.58 -27.85 2.68
CA LYS A 81 8.78 -27.22 1.65
C LYS A 81 8.65 -25.71 1.89
N VAL A 82 8.52 -24.96 0.80
CA VAL A 82 8.39 -23.51 0.86
C VAL A 82 7.00 -23.12 1.34
N ILE A 83 6.92 -22.12 2.22
CA ILE A 83 5.62 -21.66 2.68
C ILE A 83 5.48 -20.15 2.51
N GLY A 84 6.53 -19.49 2.04
CA GLY A 84 6.47 -18.05 1.84
C GLY A 84 7.70 -17.44 1.20
N ASN A 85 7.47 -16.49 0.29
CA ASN A 85 8.51 -15.65 -0.32
C ASN A 85 8.24 -14.18 0.02
N GLY A 86 9.29 -13.38 0.13
CA GLY A 86 9.11 -11.97 0.43
C GLY A 86 10.33 -11.13 0.12
N SER A 87 10.27 -9.84 0.45
CA SER A 87 11.40 -8.94 0.20
C SER A 87 12.65 -9.39 0.96
N PHE A 88 12.43 -10.00 2.12
CA PHE A 88 13.51 -10.51 2.96
C PHE A 88 14.20 -11.74 2.33
N GLY A 89 13.41 -12.56 1.64
CA GLY A 89 13.85 -13.87 1.22
C GLY A 89 12.76 -14.93 1.33
N VAL A 90 13.07 -16.06 1.95
CA VAL A 90 12.19 -17.23 1.88
C VAL A 90 11.95 -17.90 3.25
N VAL A 91 10.73 -18.35 3.46
CA VAL A 91 10.42 -19.14 4.64
C VAL A 91 10.06 -20.57 4.26
N TYR A 92 10.81 -21.51 4.81
CA TYR A 92 10.56 -22.93 4.57
C TYR A 92 9.84 -23.52 5.77
N GLN A 93 9.22 -24.67 5.56
CA GLN A 93 8.81 -25.52 6.66
C GLN A 93 9.62 -26.80 6.60
N ALA A 94 10.04 -27.29 7.75
CA ALA A 94 10.75 -28.55 7.80
C ALA A 94 10.40 -29.30 9.09
N LYS A 95 10.84 -30.55 9.15
CA LYS A 95 10.55 -31.44 10.26
C LYS A 95 11.87 -31.85 10.87
N LEU A 96 12.01 -31.69 12.18
CA LEU A 96 13.24 -32.10 12.86
C LEU A 96 13.26 -33.61 13.00
N CYS A 97 14.34 -34.24 12.55
CA CYS A 97 14.45 -35.69 12.58
C CYS A 97 14.44 -36.24 14.00
N ASP A 98 15.08 -35.53 14.93
CA ASP A 98 15.24 -36.02 16.28
C ASP A 98 13.92 -36.17 17.03
N SER A 99 12.98 -35.25 16.78
CA SER A 99 11.79 -35.16 17.62
C SER A 99 10.48 -35.16 16.85
N GLY A 100 10.56 -35.07 15.53
CA GLY A 100 9.37 -34.98 14.70
C GLY A 100 8.74 -33.59 14.72
N GLU A 101 9.34 -32.67 15.47
CA GLU A 101 8.79 -31.32 15.61
C GLU A 101 8.89 -30.51 14.32
N LEU A 102 7.86 -29.71 14.05
CA LEU A 102 7.80 -28.90 12.85
C LEU A 102 8.45 -27.57 13.11
N VAL A 103 9.27 -27.11 12.18
CA VAL A 103 9.88 -25.80 12.32
C VAL A 103 9.63 -24.96 11.07
N ALA A 104 9.66 -23.65 11.25
CA ALA A 104 9.78 -22.76 10.11
C ALA A 104 11.22 -22.30 10.01
N ILE A 105 11.74 -22.22 8.79
CA ILE A 105 13.08 -21.70 8.59
C ILE A 105 13.03 -20.46 7.71
N LYS A 106 13.38 -19.32 8.28
CA LYS A 106 13.44 -18.07 7.52
C LYS A 106 14.86 -17.82 7.02
N LYS A 107 15.01 -17.77 5.71
CA LYS A 107 16.31 -17.61 5.07
C LYS A 107 16.48 -16.19 4.55
N VAL A 108 17.52 -15.50 4.99
CA VAL A 108 17.81 -14.13 4.54
C VAL A 108 19.29 -13.99 4.16
N LEU A 109 19.58 -13.17 3.15
CA LEU A 109 20.97 -12.86 2.79
C LEU A 109 21.60 -12.09 3.94
N GLN A 110 22.81 -12.48 4.34
CA GLN A 110 23.46 -11.91 5.51
C GLN A 110 24.28 -10.67 5.16
N ASP A 111 24.03 -9.58 5.90
CA ASP A 111 24.60 -8.29 5.64
C ASP A 111 26.10 -8.28 5.44
N LYS A 112 26.80 -9.18 6.13
CA LYS A 112 28.26 -9.32 6.04
C LYS A 112 29.01 -8.10 6.59
N ARG A 113 28.47 -6.90 6.36
CA ARG A 113 29.05 -5.67 6.85
C ARG A 113 28.65 -5.39 8.31
N PHE A 114 27.71 -6.17 8.83
CA PHE A 114 27.25 -5.99 10.20
C PHE A 114 26.45 -7.19 10.73
N LYS A 115 26.23 -7.21 12.03
CA LYS A 115 25.42 -8.26 12.65
C LYS A 115 23.95 -8.04 12.32
N ASN A 116 23.24 -9.14 12.08
CA ASN A 116 21.84 -9.06 11.73
C ASN A 116 21.01 -8.59 12.93
N ARG A 117 20.22 -7.53 12.74
CA ARG A 117 19.43 -6.93 13.81
C ARG A 117 18.33 -7.87 14.28
N GLU A 118 17.64 -8.49 13.34
CA GLU A 118 16.57 -9.41 13.67
C GLU A 118 17.08 -10.54 14.57
N LEU A 119 18.24 -11.10 14.24
CA LEU A 119 18.82 -12.19 14.99
C LEU A 119 19.17 -11.73 16.41
N GLN A 120 19.78 -10.56 16.50
CA GLN A 120 20.18 -10.06 17.82
C GLN A 120 18.95 -9.85 18.69
N ILE A 121 17.90 -9.27 18.12
CA ILE A 121 16.67 -9.07 18.89
C ILE A 121 16.06 -10.41 19.32
N MET A 122 16.01 -11.38 18.41
CA MET A 122 15.32 -12.63 18.70
C MET A 122 16.04 -13.51 19.72
N ARG A 123 17.36 -13.39 19.79
CA ARG A 123 18.14 -14.19 20.72
C ARG A 123 17.88 -13.77 22.17
N LYS A 124 17.35 -12.57 22.37
CA LYS A 124 17.07 -12.10 23.72
C LYS A 124 15.57 -12.04 24.03
N LEU A 125 14.73 -12.57 23.15
CA LEU A 125 13.30 -12.63 23.44
C LEU A 125 12.92 -14.00 23.95
N ASP A 126 12.14 -14.00 25.03
CA ASP A 126 11.61 -15.22 25.59
C ASP A 126 10.24 -14.92 26.18
N HIS A 127 9.19 -15.24 25.42
CA HIS A 127 7.83 -14.95 25.85
C HIS A 127 6.87 -15.88 25.12
N CYS A 128 5.84 -16.35 25.81
CA CYS A 128 4.99 -17.41 25.28
C CYS A 128 4.08 -16.92 24.13
N ASN A 129 4.01 -15.61 23.92
CA ASN A 129 3.27 -15.05 22.77
C ASN A 129 4.18 -14.48 21.66
N ILE A 130 5.44 -14.90 21.64
CA ILE A 130 6.36 -14.53 20.57
C ILE A 130 7.02 -15.81 20.06
N VAL A 131 7.00 -16.01 18.75
CA VAL A 131 7.48 -17.26 18.18
C VAL A 131 8.94 -17.48 18.59
N ARG A 132 9.27 -18.72 18.93
CA ARG A 132 10.57 -19.03 19.51
C ARG A 132 11.66 -19.32 18.48
N LEU A 133 12.78 -18.62 18.61
CA LEU A 133 13.98 -18.97 17.85
C LEU A 133 14.63 -20.21 18.48
N ARG A 134 14.54 -21.33 17.78
CA ARG A 134 15.11 -22.58 18.28
C ARG A 134 16.60 -22.66 17.95
N TYR A 135 16.94 -22.36 16.70
CA TYR A 135 18.32 -22.34 16.26
C TYR A 135 18.52 -21.29 15.17
N PHE A 136 19.78 -21.01 14.89
CA PHE A 136 20.11 -20.30 13.66
C PHE A 136 21.41 -20.88 13.11
N PHE A 137 21.59 -20.76 11.81
CA PHE A 137 22.79 -21.27 11.14
C PHE A 137 23.01 -20.54 9.81
N TYR A 138 24.23 -20.68 9.29
CA TYR A 138 24.62 -20.08 8.02
C TYR A 138 24.77 -21.12 6.91
N SER A 139 24.43 -20.72 5.69
CA SER A 139 24.46 -21.62 4.55
C SER A 139 24.96 -20.96 3.26
N GLU A 146 28.26 -14.86 -1.28
CA GLU A 146 26.87 -14.75 -0.86
C GLU A 146 26.52 -15.74 0.25
N VAL A 147 26.48 -15.25 1.49
CA VAL A 147 26.15 -16.09 2.66
C VAL A 147 24.78 -15.78 3.23
N TYR A 148 24.09 -16.81 3.69
CA TYR A 148 22.73 -16.65 4.19
C TYR A 148 22.58 -16.98 5.68
N LEU A 149 21.73 -16.21 6.35
CA LEU A 149 21.37 -16.47 7.73
C LEU A 149 20.03 -17.19 7.77
N ASN A 150 19.99 -18.32 8.46
CA ASN A 150 18.79 -19.14 8.55
C ASN A 150 18.25 -19.14 9.97
N LEU A 151 17.07 -18.58 10.17
CA LEU A 151 16.42 -18.59 11.48
C LEU A 151 15.46 -19.76 11.58
N VAL A 152 15.74 -20.68 12.50
CA VAL A 152 14.87 -21.83 12.72
C VAL A 152 13.89 -21.56 13.85
N LEU A 153 12.62 -21.43 13.48
CA LEU A 153 11.57 -21.05 14.40
C LEU A 153 10.59 -22.20 14.61
N ASP A 154 9.97 -22.25 15.80
CA ASP A 154 8.78 -23.10 16.01
C ASP A 154 7.73 -22.87 14.94
N TYR A 155 7.20 -23.94 14.37
CA TYR A 155 6.15 -23.80 13.36
C TYR A 155 4.78 -23.63 14.01
N VAL A 156 4.01 -22.67 13.50
CA VAL A 156 2.62 -22.50 13.95
C VAL A 156 1.72 -22.65 12.71
N PRO A 157 0.64 -23.43 12.81
CA PRO A 157 -0.07 -23.85 11.60
C PRO A 157 -0.93 -22.77 10.92
N GLU A 158 -1.27 -21.69 11.61
CA GLU A 158 -2.17 -20.67 11.06
C GLU A 158 -1.74 -19.25 11.37
N THR A 159 -2.43 -18.30 10.77
CA THR A 159 -2.25 -16.88 11.05
C THR A 159 -3.61 -16.22 11.19
N VAL A 160 -3.66 -15.07 11.84
CA VAL A 160 -4.87 -14.29 11.99
C VAL A 160 -5.41 -13.90 10.60
N TYR A 161 -4.49 -13.66 9.66
CA TYR A 161 -4.85 -13.29 8.31
C TYR A 161 -5.65 -14.39 7.59
N ARG A 162 -5.17 -15.63 7.64
CA ARG A 162 -5.90 -16.71 6.95
C ARG A 162 -7.20 -17.03 7.67
N VAL A 163 -7.20 -16.91 9.00
CA VAL A 163 -8.40 -17.23 9.75
C VAL A 163 -9.47 -16.16 9.56
N ALA A 164 -9.06 -14.90 9.58
CA ALA A 164 -10.00 -13.82 9.30
C ALA A 164 -10.54 -13.94 7.88
N ARG A 165 -9.68 -14.41 6.97
CA ARG A 165 -10.09 -14.65 5.58
C ARG A 165 -11.16 -15.74 5.47
N HIS A 166 -11.03 -16.78 6.29
CA HIS A 166 -11.99 -17.88 6.25
C HIS A 166 -13.38 -17.38 6.63
N TYR A 167 -13.42 -16.54 7.66
CA TYR A 167 -14.69 -16.09 8.18
C TYR A 167 -15.35 -15.10 7.21
N SER A 168 -14.59 -14.15 6.70
CA SER A 168 -15.14 -13.17 5.77
C SER A 168 -15.68 -13.82 4.50
N ARG A 169 -14.98 -14.82 3.99
CA ARG A 169 -15.42 -15.53 2.78
C ARG A 169 -16.73 -16.27 3.05
N ALA A 170 -16.89 -16.75 4.28
CA ALA A 170 -18.10 -17.47 4.68
C ALA A 170 -19.18 -16.50 5.17
N LYS A 171 -18.88 -15.21 5.05
CA LYS A 171 -19.75 -14.13 5.53
C LYS A 171 -20.11 -14.29 7.02
N GLN A 172 -19.13 -14.70 7.83
CA GLN A 172 -19.30 -14.73 9.27
C GLN A 172 -18.21 -13.93 9.95
N THR A 173 -18.43 -13.55 11.20
CA THR A 173 -17.38 -12.91 11.97
C THR A 173 -16.79 -13.89 12.96
N LEU A 174 -15.49 -13.75 13.18
CA LEU A 174 -14.78 -14.52 14.17
C LEU A 174 -15.45 -14.30 15.52
N PRO A 175 -15.83 -15.38 16.22
CA PRO A 175 -16.44 -15.25 17.55
C PRO A 175 -15.61 -14.39 18.49
N VAL A 176 -16.33 -13.57 19.25
CA VAL A 176 -15.71 -12.56 20.08
C VAL A 176 -14.75 -13.18 21.09
N ILE A 177 -14.99 -14.43 21.48
CA ILE A 177 -14.10 -15.07 22.44
C ILE A 177 -12.70 -15.24 21.85
N TYR A 178 -12.63 -15.53 20.55
CA TYR A 178 -11.34 -15.59 19.86
C TYR A 178 -10.75 -14.20 19.66
N VAL A 179 -11.61 -13.20 19.46
CA VAL A 179 -11.12 -11.83 19.32
C VAL A 179 -10.46 -11.42 20.64
N LYS A 180 -11.11 -11.73 21.74
CA LYS A 180 -10.56 -11.45 23.06
C LYS A 180 -9.23 -12.18 23.26
N LEU A 181 -9.22 -13.49 23.03
CA LEU A 181 -8.01 -14.28 23.24
C LEU A 181 -6.84 -13.78 22.41
N TYR A 182 -7.10 -13.56 21.12
CA TYR A 182 -6.03 -13.22 20.18
C TYR A 182 -5.49 -11.82 20.48
N MET A 183 -6.38 -10.85 20.61
CA MET A 183 -5.96 -9.49 20.91
C MET A 183 -5.21 -9.39 22.24
N TYR A 184 -5.67 -10.12 23.25
CA TYR A 184 -5.04 -10.05 24.56
C TYR A 184 -3.61 -10.52 24.49
N GLN A 185 -3.42 -11.65 23.82
CA GLN A 185 -2.10 -12.20 23.65
C GLN A 185 -1.22 -11.24 22.84
N LEU A 186 -1.81 -10.58 21.84
CA LEU A 186 -1.03 -9.61 21.06
C LEU A 186 -0.53 -8.49 21.98
N PHE A 187 -1.43 -7.97 22.81
CA PHE A 187 -1.01 -6.90 23.70
C PHE A 187 0.05 -7.35 24.70
N ARG A 188 0.03 -8.62 25.12
CA ARG A 188 1.10 -9.13 26.00
C ARG A 188 2.46 -9.17 25.27
N SER A 189 2.47 -9.65 24.03
CA SER A 189 3.73 -9.68 23.27
C SER A 189 4.29 -8.26 23.15
N LEU A 190 3.40 -7.30 22.91
CA LEU A 190 3.80 -5.91 22.80
C LEU A 190 4.32 -5.32 24.13
N ALA A 191 3.61 -5.60 25.22
CA ALA A 191 4.05 -5.14 26.54
C ALA A 191 5.46 -5.65 26.78
N TYR A 192 5.68 -6.90 26.42
CA TYR A 192 6.97 -7.52 26.60
C TYR A 192 8.06 -6.84 25.77
N ILE A 193 7.88 -6.77 24.44
CA ILE A 193 8.93 -6.15 23.63
C ILE A 193 9.05 -4.66 23.92
N HIS A 194 7.94 -3.99 24.24
CA HIS A 194 8.06 -2.56 24.56
C HIS A 194 8.83 -2.32 25.88
N SER A 195 8.82 -3.29 26.78
CA SER A 195 9.55 -3.09 28.04
C SER A 195 11.07 -3.09 27.79
N PHE A 196 11.50 -3.54 26.62
CA PHE A 196 12.90 -3.45 26.23
C PHE A 196 13.17 -2.23 25.34
N GLY A 197 12.14 -1.44 25.09
CA GLY A 197 12.27 -0.30 24.20
C GLY A 197 12.18 -0.71 22.73
N ILE A 198 11.83 -1.97 22.50
CA ILE A 198 11.78 -2.50 21.15
C ILE A 198 10.39 -2.35 20.54
N CYS A 199 10.33 -1.67 19.40
CA CYS A 199 9.10 -1.52 18.63
C CYS A 199 9.14 -2.49 17.45
N HIS A 200 8.05 -3.22 17.26
CA HIS A 200 7.95 -4.22 16.19
C HIS A 200 7.91 -3.55 14.80
N ARG A 201 7.11 -2.49 14.68
CA ARG A 201 7.01 -1.62 13.50
C ARG A 201 6.39 -2.29 12.25
N ASP A 202 5.82 -3.47 12.40
CA ASP A 202 5.14 -4.08 11.28
C ASP A 202 4.03 -5.00 11.77
N ILE A 203 3.22 -4.50 12.72
CA ILE A 203 2.12 -5.30 13.21
C ILE A 203 1.01 -5.37 12.18
N LYS A 204 0.67 -6.60 11.77
CA LYS A 204 -0.37 -6.87 10.79
C LYS A 204 -0.80 -8.34 10.90
N PRO A 205 -1.99 -8.68 10.39
CA PRO A 205 -2.54 -10.03 10.57
C PRO A 205 -1.65 -11.17 10.07
N GLN A 206 -0.84 -10.95 9.04
CA GLN A 206 0.05 -11.99 8.53
C GLN A 206 1.19 -12.31 9.49
N ASN A 207 1.45 -11.41 10.44
CA ASN A 207 2.52 -11.58 11.41
C ASN A 207 1.99 -12.08 12.75
N LEU A 208 0.72 -12.46 12.78
CA LEU A 208 0.13 -12.98 14.02
C LEU A 208 -0.17 -14.45 13.86
N LEU A 209 0.74 -15.30 14.35
CA LEU A 209 0.58 -16.74 14.19
C LEU A 209 -0.44 -17.28 15.19
N LEU A 210 -1.15 -18.34 14.78
CA LEU A 210 -2.20 -18.92 15.58
C LEU A 210 -2.15 -20.43 15.56
N ASP A 211 -2.31 -21.03 16.74
CA ASP A 211 -2.64 -22.44 16.86
C ASP A 211 -4.12 -22.53 17.23
N PRO A 212 -4.98 -22.86 16.26
CA PRO A 212 -6.43 -22.85 16.49
C PRO A 212 -6.92 -23.88 17.52
N ASP A 213 -6.15 -24.94 17.75
CA ASP A 213 -6.54 -25.93 18.77
C ASP A 213 -6.38 -25.40 20.20
N THR A 214 -5.29 -24.69 20.45
CA THR A 214 -4.99 -24.17 21.79
C THR A 214 -5.30 -22.69 21.93
N ALA A 215 -5.61 -22.05 20.80
CA ALA A 215 -5.92 -20.62 20.75
C ALA A 215 -4.71 -19.77 21.16
N VAL A 216 -3.51 -20.33 21.04
CA VAL A 216 -2.31 -19.56 21.31
C VAL A 216 -1.95 -18.66 20.12
N LEU A 217 -1.66 -17.40 20.40
CA LEU A 217 -1.16 -16.49 19.38
C LEU A 217 0.33 -16.23 19.60
N LYS A 218 1.10 -16.22 18.51
CA LYS A 218 2.51 -15.82 18.59
C LYS A 218 2.83 -14.75 17.53
N LEU A 219 3.38 -13.64 18.02
CA LEU A 219 3.85 -12.58 17.16
C LEU A 219 5.09 -13.05 16.40
N CYS A 220 5.17 -12.76 15.11
CA CYS A 220 6.40 -13.11 14.40
C CYS A 220 6.90 -11.95 13.55
N ASP A 221 8.04 -12.21 12.88
CA ASP A 221 8.70 -11.28 11.97
C ASP A 221 9.25 -10.05 12.66
N PHE A 222 10.51 -10.13 13.06
CA PHE A 222 11.16 -9.03 13.72
C PHE A 222 12.16 -8.34 12.78
N GLY A 223 11.91 -8.46 11.47
CA GLY A 223 12.76 -7.87 10.45
C GLY A 223 12.71 -6.34 10.44
N SER A 224 11.62 -5.76 10.91
CA SER A 224 11.51 -4.31 11.01
C SER A 224 11.77 -3.79 12.43
N ALA A 225 11.76 -4.70 13.40
CA ALA A 225 11.85 -4.35 14.82
C ALA A 225 13.12 -3.62 15.10
N LYS A 226 13.05 -2.72 16.09
CA LYS A 226 14.17 -1.85 16.42
C LYS A 226 13.93 -1.17 17.75
N GLN A 227 14.99 -0.99 18.54
CA GLN A 227 14.87 -0.27 19.79
C GLN A 227 14.80 1.23 19.51
N LEU A 228 13.72 1.86 19.97
CA LEU A 228 13.52 3.30 19.78
C LEU A 228 14.06 4.08 20.98
N VAL A 229 15.11 4.84 20.73
CA VAL A 229 15.68 5.72 21.72
C VAL A 229 15.23 7.16 21.49
N ARG A 230 14.52 7.71 22.49
CA ARG A 230 14.11 9.12 22.52
C ARG A 230 15.18 10.06 21.98
N GLY A 231 14.81 10.85 20.97
CA GLY A 231 15.75 11.80 20.39
C GLY A 231 16.50 11.26 19.19
N GLU A 232 16.35 9.98 18.92
CA GLU A 232 16.92 9.40 17.71
C GLU A 232 15.84 9.29 16.65
N PRO A 233 16.15 9.76 15.42
CA PRO A 233 15.20 9.65 14.31
C PRO A 233 15.13 8.23 13.75
N ASN A 234 13.93 7.82 13.38
CA ASN A 234 13.77 6.53 12.72
C ASN A 234 12.96 6.71 11.45
N VAL A 235 13.11 5.77 10.51
CA VAL A 235 12.48 5.89 9.20
C VAL A 235 10.96 5.80 9.33
N SER A 236 10.27 6.65 8.59
CA SER A 236 8.80 6.65 8.63
C SER A 236 8.18 5.64 7.67
N TYR A 237 8.99 5.05 6.80
CA TYR A 237 8.44 4.18 5.76
C TYR A 237 8.32 2.73 6.20
N ILE A 238 8.37 2.48 7.50
CA ILE A 238 8.05 1.15 8.03
C ILE A 238 6.53 1.00 8.13
N CYS A 239 6.10 -0.23 8.39
CA CYS A 239 4.70 -0.62 8.62
C CYS A 239 3.91 -0.77 7.32
N SER A 240 2.98 -1.70 7.35
CA SER A 240 2.25 -2.10 6.15
C SER A 240 0.94 -1.37 6.04
N ARG A 241 0.58 -1.02 4.80
CA ARG A 241 -0.68 -0.34 4.50
C ARG A 241 -1.89 -0.96 5.22
N TYR A 242 -2.79 -0.08 5.66
CA TYR A 242 -3.96 -0.34 6.52
C TYR A 242 -3.59 -0.18 8.00
N TYR A 243 -2.36 -0.55 8.36
CA TYR A 243 -1.97 -0.66 9.77
C TYR A 243 -1.02 0.44 10.18
N ARG A 244 -0.87 1.45 9.34
CA ARG A 244 0.08 2.51 9.67
C ARG A 244 -0.59 3.60 10.51
N ALA A 245 0.05 3.89 11.64
CA ALA A 245 -0.29 5.05 12.46
C ALA A 245 -0.29 6.32 11.62
N PRO A 246 -1.22 7.23 11.92
CA PRO A 246 -1.31 8.46 11.12
C PRO A 246 -0.01 9.28 11.14
N GLU A 247 0.76 9.23 12.22
CA GLU A 247 2.01 9.99 12.27
C GLU A 247 3.04 9.40 11.28
N LEU A 248 2.96 8.10 11.03
CA LEU A 248 3.79 7.49 9.98
C LEU A 248 3.39 8.01 8.59
N ILE A 249 2.09 8.08 8.35
CA ILE A 249 1.59 8.54 7.08
C ILE A 249 2.08 9.97 6.82
N PHE A 250 2.13 10.76 7.89
CA PHE A 250 2.59 12.14 7.80
C PHE A 250 4.11 12.24 7.74
N GLY A 251 4.78 11.09 7.83
CA GLY A 251 6.23 11.05 7.68
C GLY A 251 7.03 11.39 8.92
N ALA A 252 6.42 11.28 10.10
CA ALA A 252 7.12 11.55 11.35
C ALA A 252 8.29 10.58 11.54
N THR A 253 9.42 11.10 12.02
CA THR A 253 10.59 10.29 12.29
C THR A 253 10.89 10.21 13.80
N ASP A 254 10.04 10.85 14.61
CA ASP A 254 10.23 10.88 16.06
C ASP A 254 9.13 10.06 16.74
N TYR A 255 8.59 9.09 16.02
CA TYR A 255 7.50 8.30 16.54
C TYR A 255 7.95 7.40 17.67
N THR A 256 6.97 6.85 18.39
CA THR A 256 7.25 5.99 19.53
C THR A 256 6.64 4.62 19.30
N SER A 257 6.87 3.74 20.27
CA SER A 257 6.34 2.39 20.24
C SER A 257 4.83 2.33 20.21
N SER A 258 4.18 3.45 20.46
CA SER A 258 2.73 3.48 20.39
C SER A 258 2.22 3.29 18.95
N ILE A 259 3.10 3.34 17.93
CA ILE A 259 2.62 3.01 16.56
C ILE A 259 2.17 1.54 16.52
N ASP A 260 2.82 0.69 17.31
CA ASP A 260 2.44 -0.72 17.43
C ASP A 260 1.02 -0.86 17.96
N VAL A 261 0.64 0.07 18.82
CA VAL A 261 -0.66 0.05 19.47
C VAL A 261 -1.74 0.45 18.47
N TRP A 262 -1.45 1.45 17.67
CA TRP A 262 -2.36 1.84 16.62
C TRP A 262 -2.61 0.66 15.66
N SER A 263 -1.54 -0.06 15.32
CA SER A 263 -1.67 -1.16 14.38
C SER A 263 -2.57 -2.25 14.98
N ALA A 264 -2.31 -2.54 16.26
CA ALA A 264 -3.06 -3.53 17.02
C ALA A 264 -4.55 -3.17 17.08
N GLY A 265 -4.84 -1.89 17.25
CA GLY A 265 -6.22 -1.42 17.17
C GLY A 265 -6.86 -1.63 15.79
N CYS A 266 -6.07 -1.49 14.73
CA CYS A 266 -6.57 -1.73 13.38
C CYS A 266 -6.91 -3.22 13.23
N VAL A 267 -6.09 -4.08 13.80
CA VAL A 267 -6.34 -5.52 13.74
C VAL A 267 -7.62 -5.84 14.52
N LEU A 268 -7.76 -5.28 15.72
CA LEU A 268 -8.98 -5.46 16.50
C LEU A 268 -10.22 -5.04 15.69
N ALA A 269 -10.19 -3.84 15.13
CA ALA A 269 -11.33 -3.33 14.37
C ALA A 269 -11.65 -4.24 13.17
N GLU A 270 -10.61 -4.76 12.54
CA GLU A 270 -10.79 -5.65 11.39
C GLU A 270 -11.45 -6.96 11.80
N LEU A 271 -11.01 -7.52 12.93
CA LEU A 271 -11.62 -8.75 13.42
C LEU A 271 -13.11 -8.54 13.75
N LEU A 272 -13.47 -7.34 14.19
CA LEU A 272 -14.86 -7.04 14.51
C LEU A 272 -15.69 -6.72 13.26
N LEU A 273 -15.06 -6.02 12.32
CA LEU A 273 -15.77 -5.59 11.12
C LEU A 273 -15.85 -6.68 10.06
N GLY A 274 -14.86 -7.56 10.02
CA GLY A 274 -14.77 -8.53 8.94
C GLY A 274 -14.08 -7.95 7.70
N GLN A 275 -13.50 -6.77 7.85
CA GLN A 275 -12.78 -6.08 6.78
C GLN A 275 -11.88 -5.01 7.42
N PRO A 276 -10.85 -4.53 6.70
CA PRO A 276 -9.95 -3.51 7.27
C PRO A 276 -10.68 -2.21 7.56
N ILE A 277 -10.37 -1.52 8.65
CA ILE A 277 -11.13 -0.33 9.00
C ILE A 277 -10.65 0.91 8.22
N PHE A 278 -9.37 0.97 7.89
CA PHE A 278 -8.83 2.11 7.15
C PHE A 278 -8.14 1.67 5.86
N PRO A 279 -8.91 1.14 4.90
CA PRO A 279 -8.30 0.72 3.63
C PRO A 279 -7.77 1.88 2.81
N GLY A 280 -7.12 1.58 1.69
CA GLY A 280 -6.60 2.59 0.78
C GLY A 280 -5.21 2.22 0.25
N ASP A 281 -4.99 2.47 -1.04
CA ASP A 281 -3.72 2.13 -1.66
C ASP A 281 -2.73 3.29 -1.58
N SER A 282 -3.20 4.45 -1.12
CA SER A 282 -2.31 5.56 -0.86
C SER A 282 -2.50 6.13 0.55
N GLY A 283 -1.49 6.87 1.02
CA GLY A 283 -1.57 7.56 2.30
C GLY A 283 -2.76 8.50 2.38
N VAL A 284 -3.08 9.18 1.29
CA VAL A 284 -4.16 10.14 1.31
C VAL A 284 -5.49 9.40 1.49
N ASP A 285 -5.65 8.26 0.82
CA ASP A 285 -6.89 7.49 0.95
C ASP A 285 -7.05 6.95 2.38
N GLN A 286 -5.96 6.43 2.94
CA GLN A 286 -5.93 5.97 4.33
C GLN A 286 -6.34 7.11 5.26
N LEU A 287 -5.67 8.24 5.16
CA LEU A 287 -6.02 9.43 5.94
C LEU A 287 -7.51 9.79 5.84
N VAL A 288 -8.04 9.77 4.62
CA VAL A 288 -9.45 10.09 4.40
C VAL A 288 -10.35 9.12 5.17
N GLU A 289 -9.99 7.84 5.20
CA GLU A 289 -10.76 6.85 5.93
C GLU A 289 -10.63 6.99 7.46
N ILE A 290 -9.43 7.35 7.92
CA ILE A 290 -9.22 7.59 9.33
C ILE A 290 -10.06 8.77 9.79
N ILE A 291 -10.06 9.83 8.98
CA ILE A 291 -10.81 11.05 9.30
C ILE A 291 -12.32 10.80 9.29
N LYS A 292 -12.80 10.01 8.34
CA LYS A 292 -14.22 9.67 8.28
C LYS A 292 -14.70 9.04 9.60
N VAL A 293 -13.77 8.44 10.34
CA VAL A 293 -14.10 7.78 11.60
C VAL A 293 -13.74 8.64 12.80
N LEU A 294 -12.49 9.08 12.86
CA LEU A 294 -12.00 9.86 14.00
C LEU A 294 -12.43 11.33 13.95
N GLY A 295 -12.78 11.81 12.77
CA GLY A 295 -13.05 13.22 12.60
C GLY A 295 -11.78 13.92 12.21
N THR A 296 -11.88 15.20 11.87
CA THR A 296 -10.71 15.97 11.46
C THR A 296 -9.82 16.27 12.67
N PRO A 297 -8.55 15.88 12.61
CA PRO A 297 -7.64 16.16 13.72
C PRO A 297 -7.51 17.65 13.99
N THR A 298 -7.29 18.01 15.25
CA THR A 298 -7.12 19.41 15.63
C THR A 298 -5.71 19.87 15.31
N ARG A 299 -5.45 21.17 15.46
CA ARG A 299 -4.12 21.72 15.23
C ARG A 299 -3.13 21.05 16.17
N GLU A 300 -3.54 20.85 17.41
CA GLU A 300 -2.72 20.24 18.44
C GLU A 300 -2.49 18.75 18.19
N GLN A 301 -3.53 18.04 17.73
CA GLN A 301 -3.39 16.63 17.41
C GLN A 301 -2.42 16.43 16.24
N ILE A 302 -2.52 17.31 15.26
CA ILE A 302 -1.60 17.32 14.12
C ILE A 302 -0.16 17.52 14.59
N ARG A 303 0.04 18.51 15.45
CA ARG A 303 1.36 18.80 16.01
C ARG A 303 1.94 17.61 16.77
N GLU A 304 1.07 16.85 17.44
CA GLU A 304 1.50 15.66 18.17
C GLU A 304 1.89 14.52 17.22
N MET A 305 1.32 14.54 16.02
CA MET A 305 1.67 13.58 14.96
C MET A 305 2.80 14.11 14.09
N PHE A 314 -6.96 20.21 5.02
CA PHE A 314 -7.58 18.93 5.32
C PHE A 314 -9.10 19.05 5.32
N PRO A 315 -9.79 18.02 4.78
CA PRO A 315 -11.25 18.00 4.71
C PRO A 315 -11.91 18.08 6.08
N GLN A 316 -12.75 19.09 6.29
CA GLN A 316 -13.41 19.28 7.59
C GLN A 316 -14.61 18.35 7.75
N ILE A 317 -14.42 17.25 8.48
CA ILE A 317 -15.46 16.24 8.66
C ILE A 317 -15.74 15.94 10.14
N LYS A 318 -17.02 15.86 10.49
CA LYS A 318 -17.42 15.58 11.86
C LYS A 318 -17.28 14.09 12.17
N ALA A 319 -16.88 13.78 13.41
CA ALA A 319 -16.56 12.42 13.81
C ALA A 319 -17.77 11.48 13.73
N HIS A 320 -17.54 10.27 13.22
CA HIS A 320 -18.59 9.28 13.18
C HIS A 320 -18.63 8.53 14.52
N PRO A 321 -19.83 8.48 15.14
CA PRO A 321 -20.03 7.79 16.42
C PRO A 321 -19.53 6.35 16.35
N TRP A 322 -18.59 6.00 17.22
CA TRP A 322 -17.94 4.70 17.15
C TRP A 322 -18.93 3.54 17.15
N THR A 323 -20.03 3.69 17.87
CA THR A 323 -21.06 2.65 17.96
C THR A 323 -21.70 2.40 16.58
N LYS A 324 -21.64 3.40 15.70
CA LYS A 324 -22.20 3.28 14.36
C LYS A 324 -21.16 2.76 13.36
N VAL A 325 -19.93 2.56 13.81
CA VAL A 325 -18.88 2.04 12.93
C VAL A 325 -18.97 0.51 12.83
N PHE A 326 -19.41 -0.13 13.90
CA PHE A 326 -19.49 -1.59 13.98
C PHE A 326 -20.93 -2.10 13.88
N ARG A 327 -21.09 -3.41 13.65
CA ARG A 327 -22.41 -3.99 13.48
C ARG A 327 -23.15 -3.96 14.81
N PRO A 328 -24.49 -4.01 14.78
CA PRO A 328 -25.31 -3.87 16.00
C PRO A 328 -24.96 -4.83 17.15
N ARG A 329 -24.53 -6.04 16.84
CA ARG A 329 -24.33 -7.03 17.91
C ARG A 329 -22.96 -6.92 18.60
N THR A 330 -22.17 -5.92 18.23
CA THR A 330 -20.82 -5.75 18.75
C THR A 330 -20.83 -5.32 20.23
N PRO A 331 -20.05 -6.02 21.07
CA PRO A 331 -19.90 -5.66 22.49
C PRO A 331 -19.36 -4.23 22.68
N PRO A 332 -20.04 -3.43 23.50
CA PRO A 332 -19.63 -2.04 23.71
C PRO A 332 -18.22 -1.91 24.31
N GLU A 333 -17.80 -2.89 25.12
CA GLU A 333 -16.43 -2.94 25.62
C GLU A 333 -15.42 -3.00 24.47
N ALA A 334 -15.74 -3.77 23.44
CA ALA A 334 -14.88 -3.90 22.25
C ALA A 334 -14.71 -2.56 21.56
N ILE A 335 -15.80 -1.80 21.49
CA ILE A 335 -15.79 -0.51 20.83
C ILE A 335 -15.04 0.52 21.68
N ALA A 336 -15.26 0.49 22.99
CA ALA A 336 -14.56 1.40 23.90
C ALA A 336 -13.05 1.17 23.83
N LEU A 337 -12.64 -0.10 23.78
CA LEU A 337 -11.23 -0.43 23.61
C LEU A 337 -10.68 0.14 22.29
N CYS A 338 -11.38 -0.11 21.19
CA CYS A 338 -10.99 0.44 19.90
C CYS A 338 -10.72 1.93 19.97
N SER A 339 -11.65 2.66 20.55
CA SER A 339 -11.57 4.12 20.57
C SER A 339 -10.37 4.62 21.39
N ARG A 340 -9.86 3.79 22.30
CA ARG A 340 -8.73 4.21 23.14
C ARG A 340 -7.40 3.73 22.55
N LEU A 341 -7.47 2.88 21.54
CA LEU A 341 -6.26 2.46 20.81
C LEU A 341 -6.04 3.37 19.59
N LEU A 342 -7.11 3.62 18.84
CA LEU A 342 -7.07 4.39 17.59
C LEU A 342 -7.24 5.89 17.85
N GLU A 343 -6.17 6.51 18.35
CA GLU A 343 -6.22 7.91 18.74
C GLU A 343 -5.15 8.66 18.01
N TYR A 344 -5.50 9.85 17.54
CA TYR A 344 -4.57 10.72 16.82
C TYR A 344 -3.31 10.96 17.64
N THR A 345 -3.50 11.41 18.88
CA THR A 345 -2.39 11.76 19.75
C THR A 345 -1.77 10.46 20.26
N PRO A 346 -0.51 10.19 19.88
CA PRO A 346 0.12 8.90 20.23
C PRO A 346 0.23 8.66 21.74
N THR A 347 0.43 9.72 22.51
CA THR A 347 0.56 9.57 23.95
C THR A 347 -0.80 9.32 24.62
N ALA A 348 -1.89 9.50 23.87
CA ALA A 348 -3.21 9.29 24.46
C ALA A 348 -3.70 7.86 24.25
N ARG A 349 -3.03 7.11 23.39
CA ARG A 349 -3.37 5.69 23.19
C ARG A 349 -3.03 4.91 24.43
N LEU A 350 -3.78 3.84 24.69
CA LEU A 350 -3.45 2.90 25.76
C LEU A 350 -2.08 2.29 25.50
N THR A 351 -1.33 2.05 26.58
CA THR A 351 -0.15 1.21 26.47
C THR A 351 -0.64 -0.24 26.28
N PRO A 352 0.22 -1.13 25.81
CA PRO A 352 -0.21 -2.53 25.66
C PRO A 352 -0.68 -3.13 26.99
N LEU A 353 0.04 -2.83 28.07
CA LEU A 353 -0.29 -3.41 29.36
C LEU A 353 -1.67 -2.90 29.82
N GLU A 354 -1.93 -1.61 29.65
CA GLU A 354 -3.24 -1.06 30.00
C GLU A 354 -4.37 -1.73 29.22
N ALA A 355 -4.12 -2.03 27.95
CA ALA A 355 -5.09 -2.70 27.09
C ALA A 355 -5.39 -4.10 27.62
N CYS A 356 -4.34 -4.83 27.97
CA CYS A 356 -4.48 -6.14 28.59
C CYS A 356 -5.45 -6.09 29.76
N ALA A 357 -5.39 -4.98 30.51
CA ALA A 357 -6.20 -4.80 31.70
C ALA A 357 -7.58 -4.21 31.41
N HIS A 358 -7.86 -3.91 30.13
CA HIS A 358 -9.14 -3.32 29.75
C HIS A 358 -10.31 -4.27 30.06
N SER A 359 -11.49 -3.73 30.31
CA SER A 359 -12.65 -4.54 30.68
C SER A 359 -13.09 -5.53 29.59
N PHE A 360 -12.78 -5.20 28.33
CA PHE A 360 -13.09 -6.07 27.19
C PHE A 360 -12.54 -7.46 27.39
N PHE A 361 -11.45 -7.57 28.16
CA PHE A 361 -10.81 -8.86 28.39
C PHE A 361 -11.20 -9.52 29.73
N ASP A 362 -12.16 -8.95 30.46
CA ASP A 362 -12.53 -9.49 31.79
C ASP A 362 -12.97 -10.95 31.71
N GLU A 363 -13.70 -11.30 30.66
CA GLU A 363 -14.12 -12.67 30.46
C GLU A 363 -12.95 -13.66 30.52
N LEU A 364 -11.82 -13.29 29.93
CA LEU A 364 -10.63 -14.15 29.96
C LEU A 364 -10.17 -14.40 31.40
N ARG A 365 -10.52 -13.51 32.32
CA ARG A 365 -10.08 -13.62 33.70
C ARG A 365 -11.09 -14.36 34.57
N ASP A 366 -12.18 -14.82 33.94
CA ASP A 366 -13.22 -15.59 34.60
C ASP A 366 -12.79 -17.04 34.78
N PRO A 367 -12.76 -17.52 36.02
CA PRO A 367 -12.26 -18.85 36.36
C PRO A 367 -13.04 -19.98 35.68
N ASN A 368 -14.25 -19.69 35.21
CA ASN A 368 -15.04 -20.70 34.53
C ASN A 368 -14.88 -20.73 33.00
N VAL A 369 -14.13 -19.77 32.43
CA VAL A 369 -14.03 -19.67 30.96
C VAL A 369 -13.33 -20.88 30.35
N LYS A 370 -13.84 -21.33 29.21
CA LYS A 370 -13.18 -22.40 28.45
C LYS A 370 -13.20 -22.05 26.97
N LEU A 371 -12.46 -22.81 26.16
CA LEU A 371 -12.49 -22.66 24.71
C LEU A 371 -13.73 -23.32 24.13
N PRO A 372 -14.24 -22.79 23.00
CA PRO A 372 -15.32 -23.42 22.25
C PRO A 372 -15.09 -24.91 21.99
N ASN A 373 -13.84 -25.31 21.82
CA ASN A 373 -13.56 -26.72 21.55
C ASN A 373 -13.52 -27.58 22.81
N GLY A 374 -13.78 -26.96 23.96
CA GLY A 374 -13.80 -27.68 25.22
C GLY A 374 -12.54 -27.60 26.06
N ARG A 375 -11.40 -27.26 25.44
CA ARG A 375 -10.12 -27.19 26.14
C ARG A 375 -10.02 -26.00 27.08
N ASP A 376 -9.05 -26.05 27.99
CA ASP A 376 -8.75 -24.90 28.84
C ASP A 376 -8.13 -23.78 28.02
N THR A 377 -8.26 -22.56 28.50
CA THR A 377 -7.57 -21.44 27.89
C THR A 377 -6.06 -21.69 27.98
N PRO A 378 -5.30 -21.12 27.04
CA PRO A 378 -3.84 -21.24 27.09
C PRO A 378 -3.30 -20.34 28.19
N ALA A 379 -2.00 -20.40 28.45
CA ALA A 379 -1.34 -19.48 29.39
C ALA A 379 -1.71 -18.02 29.16
N LEU A 380 -2.26 -17.36 30.18
CA LEU A 380 -2.70 -15.98 30.05
C LEU A 380 -2.16 -15.04 31.13
N PHE A 381 -1.70 -15.62 32.23
CA PHE A 381 -1.48 -14.84 33.45
C PHE A 381 -0.08 -14.98 34.03
N ASN A 382 0.81 -15.65 33.29
CA ASN A 382 2.18 -15.87 33.73
C ASN A 382 3.09 -14.65 33.49
N PHE A 383 2.61 -13.46 33.83
CA PHE A 383 3.43 -12.25 33.78
C PHE A 383 4.71 -12.34 34.61
N THR A 384 5.76 -11.71 34.08
CA THR A 384 7.01 -11.54 34.80
C THR A 384 7.16 -10.08 35.23
N THR A 385 8.14 -9.80 36.09
CA THR A 385 8.43 -8.45 36.55
C THR A 385 8.74 -7.51 35.36
N GLN A 386 9.54 -8.01 34.42
CA GLN A 386 9.87 -7.28 33.20
C GLN A 386 8.60 -6.87 32.41
N GLU A 387 7.69 -7.82 32.27
CA GLU A 387 6.44 -7.60 31.55
C GLU A 387 5.58 -6.51 32.17
N LEU A 388 5.57 -6.44 33.50
CA LEU A 388 4.71 -5.51 34.22
C LEU A 388 5.36 -4.15 34.45
N SER A 389 6.65 -4.06 34.13
CA SER A 389 7.47 -2.94 34.59
C SER A 389 6.96 -1.54 34.19
N SER A 390 6.18 -1.43 33.12
CA SER A 390 5.61 -0.13 32.73
C SER A 390 4.53 0.35 33.72
N ASN A 391 3.91 -0.58 34.43
CA ASN A 391 2.81 -0.25 35.33
C ASN A 391 2.51 -1.40 36.32
N PRO A 392 3.43 -1.64 37.26
CA PRO A 392 3.35 -2.76 38.22
C PRO A 392 2.03 -2.93 38.99
N PRO A 393 1.36 -1.85 39.42
CA PRO A 393 0.10 -2.10 40.14
C PRO A 393 -1.02 -2.74 39.31
N LEU A 394 -0.86 -2.85 37.98
CA LEU A 394 -1.87 -3.49 37.15
C LEU A 394 -1.92 -4.99 37.39
N ALA A 395 -0.85 -5.52 38.00
CA ALA A 395 -0.79 -6.91 38.44
C ALA A 395 -2.07 -7.35 39.16
N THR A 396 -2.70 -6.42 39.87
CA THR A 396 -3.88 -6.77 40.65
C THR A 396 -5.08 -7.04 39.76
N ILE A 397 -5.11 -6.40 38.60
CA ILE A 397 -6.18 -6.67 37.63
C ILE A 397 -5.77 -7.87 36.78
N LEU A 398 -4.53 -7.84 36.29
CA LEU A 398 -4.06 -8.79 35.29
C LEU A 398 -3.94 -10.23 35.75
N ILE A 399 -3.58 -10.42 37.02
CA ILE A 399 -3.40 -11.75 37.57
C ILE A 399 -4.57 -12.01 38.53
N PRO A 400 -5.60 -12.71 38.06
CA PRO A 400 -6.82 -12.96 38.84
C PRO A 400 -6.58 -13.97 39.97
N PRO A 401 -7.48 -14.00 40.96
CA PRO A 401 -7.27 -14.83 42.15
C PRO A 401 -7.01 -16.33 41.87
N HIS A 402 -7.60 -16.88 40.82
CA HIS A 402 -7.48 -18.31 40.53
C HIS A 402 -6.21 -18.66 39.75
N ALA A 403 -5.46 -17.67 39.32
CA ALA A 403 -4.26 -17.94 38.53
C ALA A 403 -3.14 -18.50 39.42
N VAL B 58 -34.65 7.75 -14.98
CA VAL B 58 -34.36 8.92 -15.82
C VAL B 58 -34.20 10.20 -14.99
N THR B 59 -32.97 10.74 -14.98
CA THR B 59 -32.63 11.92 -14.20
C THR B 59 -32.35 13.12 -15.11
N THR B 60 -33.02 14.24 -14.86
CA THR B 60 -32.77 15.45 -15.64
C THR B 60 -32.11 16.51 -14.77
N VAL B 61 -30.89 16.91 -15.13
CA VAL B 61 -30.22 18.00 -14.43
C VAL B 61 -29.82 19.11 -15.41
N VAL B 62 -29.67 20.33 -14.88
CA VAL B 62 -29.10 21.42 -15.66
C VAL B 62 -27.61 21.55 -15.34
N ALA B 63 -26.78 21.04 -16.24
CA ALA B 63 -25.35 20.92 -15.99
C ALA B 63 -24.51 21.90 -16.80
N THR B 64 -23.30 22.15 -16.31
CA THR B 64 -22.40 23.10 -16.93
C THR B 64 -21.30 22.40 -17.74
N PRO B 65 -21.14 22.79 -19.02
CA PRO B 65 -20.09 22.23 -19.88
C PRO B 65 -18.73 22.33 -19.23
N GLY B 66 -17.89 21.33 -19.42
CA GLY B 66 -16.55 21.34 -18.86
C GLY B 66 -15.74 22.42 -19.52
N GLN B 67 -15.76 22.44 -20.85
CA GLN B 67 -14.99 23.40 -21.63
C GLN B 67 -15.85 24.49 -22.22
N GLY B 68 -15.23 25.60 -22.60
CA GLY B 68 -15.96 26.72 -23.18
C GLY B 68 -16.70 27.51 -22.13
N PRO B 69 -17.44 28.55 -22.55
CA PRO B 69 -18.12 29.48 -21.64
C PRO B 69 -19.22 28.83 -20.78
N ASP B 70 -19.46 29.39 -19.61
CA ASP B 70 -20.47 28.89 -18.68
C ASP B 70 -21.88 29.02 -19.25
N ARG B 71 -22.30 27.98 -19.97
CA ARG B 71 -23.60 27.99 -20.64
C ARG B 71 -24.32 26.68 -20.36
N PRO B 72 -24.98 26.61 -19.20
CA PRO B 72 -25.52 25.34 -18.71
C PRO B 72 -26.62 24.82 -19.62
N GLN B 73 -26.80 23.50 -19.62
CA GLN B 73 -27.88 22.91 -20.40
C GLN B 73 -28.52 21.71 -19.72
N GLU B 74 -29.77 21.46 -20.09
CA GLU B 74 -30.51 20.32 -19.59
C GLU B 74 -29.92 19.03 -20.12
N VAL B 75 -29.51 18.18 -19.19
CA VAL B 75 -28.96 16.88 -19.51
C VAL B 75 -29.82 15.81 -18.83
N SER B 76 -30.24 14.81 -19.59
CA SER B 76 -30.99 13.71 -19.06
C SER B 76 -30.22 12.41 -19.20
N TYR B 77 -30.26 11.56 -18.17
CA TYR B 77 -29.59 10.27 -18.25
C TYR B 77 -30.31 9.20 -17.45
N THR B 78 -30.01 7.95 -17.77
CA THR B 78 -30.68 6.81 -17.18
C THR B 78 -29.71 5.64 -17.12
N ASP B 79 -30.20 4.46 -16.73
CA ASP B 79 -29.39 3.25 -16.58
C ASP B 79 -28.20 3.46 -15.66
N THR B 80 -28.39 4.25 -14.62
CA THR B 80 -27.29 4.61 -13.73
C THR B 80 -26.88 3.44 -12.84
N LYS B 81 -25.64 2.97 -13.02
CA LYS B 81 -25.09 1.93 -12.16
C LYS B 81 -23.73 2.34 -11.63
N VAL B 82 -23.36 1.75 -10.50
CA VAL B 82 -22.10 2.01 -9.83
C VAL B 82 -20.97 1.26 -10.52
N ILE B 83 -19.89 1.94 -10.83
CA ILE B 83 -18.73 1.26 -11.39
C ILE B 83 -17.46 1.51 -10.58
N GLY B 84 -17.61 2.08 -9.39
CA GLY B 84 -16.47 2.29 -8.51
C GLY B 84 -16.73 3.07 -7.24
N ASN B 85 -16.16 2.58 -6.15
CA ASN B 85 -16.16 3.29 -4.87
C ASN B 85 -14.73 3.62 -4.48
N GLY B 86 -14.55 4.64 -3.66
CA GLY B 86 -13.23 5.00 -3.20
C GLY B 86 -13.35 5.92 -2.01
N SER B 87 -12.23 6.35 -1.45
CA SER B 87 -12.24 7.30 -0.36
C SER B 87 -12.84 8.63 -0.79
N PHE B 88 -12.73 8.93 -2.09
CA PHE B 88 -13.20 10.18 -2.66
C PHE B 88 -14.72 10.29 -2.71
N GLY B 89 -15.38 9.16 -2.92
CA GLY B 89 -16.80 9.13 -3.20
C GLY B 89 -17.14 7.97 -4.13
N VAL B 90 -17.98 8.24 -5.13
CA VAL B 90 -18.51 7.19 -5.97
C VAL B 90 -18.43 7.56 -7.45
N VAL B 91 -18.22 6.56 -8.31
CA VAL B 91 -18.22 6.76 -9.74
C VAL B 91 -19.34 5.93 -10.36
N TYR B 92 -20.26 6.59 -11.05
CA TYR B 92 -21.36 5.89 -11.71
C TYR B 92 -21.16 5.86 -13.23
N GLN B 93 -21.75 4.85 -13.86
CA GLN B 93 -21.95 4.87 -15.29
C GLN B 93 -23.41 5.23 -15.59
N ALA B 94 -23.63 6.09 -16.59
CA ALA B 94 -24.97 6.43 -17.02
C ALA B 94 -25.03 6.51 -18.54
N LYS B 95 -26.25 6.44 -19.09
CA LYS B 95 -26.45 6.62 -20.52
C LYS B 95 -27.21 7.92 -20.75
N LEU B 96 -26.67 8.80 -21.59
CA LEU B 96 -27.33 10.04 -21.94
C LEU B 96 -28.58 9.76 -22.77
N CYS B 97 -29.70 10.33 -22.38
CA CYS B 97 -30.97 10.01 -23.03
C CYS B 97 -31.04 10.46 -24.48
N ASP B 98 -30.57 11.67 -24.77
CA ASP B 98 -30.68 12.21 -26.13
C ASP B 98 -29.73 11.50 -27.10
N SER B 99 -28.44 11.48 -26.80
CA SER B 99 -27.43 10.97 -27.74
C SER B 99 -27.20 9.46 -27.63
N GLY B 100 -27.52 8.87 -26.48
CA GLY B 100 -27.24 7.47 -26.24
C GLY B 100 -25.82 7.19 -25.78
N GLU B 101 -25.00 8.24 -25.71
CA GLU B 101 -23.61 8.07 -25.26
C GLU B 101 -23.53 7.65 -23.78
N LEU B 102 -22.50 6.87 -23.46
CA LEU B 102 -22.26 6.44 -22.09
C LEU B 102 -21.35 7.45 -21.41
N VAL B 103 -21.63 7.76 -20.15
CA VAL B 103 -20.77 8.63 -19.40
C VAL B 103 -20.43 8.03 -18.03
N ALA B 104 -19.34 8.49 -17.45
CA ALA B 104 -19.02 8.13 -16.08
C ALA B 104 -19.31 9.35 -15.24
N ILE B 105 -19.97 9.17 -14.09
CA ILE B 105 -20.21 10.31 -13.21
C ILE B 105 -19.48 10.10 -11.89
N LYS B 106 -18.54 11.00 -11.61
CA LYS B 106 -17.78 10.96 -10.38
C LYS B 106 -18.41 11.92 -9.38
N LYS B 107 -18.96 11.36 -8.31
CA LYS B 107 -19.68 12.11 -7.29
C LYS B 107 -18.82 12.29 -6.05
N VAL B 108 -18.57 13.54 -5.66
CA VAL B 108 -17.75 13.82 -4.49
C VAL B 108 -18.35 14.90 -3.61
N LEU B 109 -18.15 14.78 -2.31
CA LEU B 109 -18.59 15.78 -1.36
C LEU B 109 -17.77 17.05 -1.60
N GLN B 110 -18.44 18.19 -1.63
CA GLN B 110 -17.78 19.48 -1.86
C GLN B 110 -17.56 20.25 -0.55
N ASP B 111 -16.30 20.47 -0.21
CA ASP B 111 -15.94 21.23 0.97
C ASP B 111 -16.58 22.59 0.94
N LYS B 112 -17.19 22.98 2.05
CA LYS B 112 -17.87 24.27 2.16
C LYS B 112 -16.89 25.42 1.95
N ARG B 113 -15.63 25.20 2.33
CA ARG B 113 -14.61 26.24 2.26
C ARG B 113 -14.22 26.56 0.82
N PHE B 114 -13.17 25.90 0.34
CA PHE B 114 -12.58 26.23 -0.96
C PHE B 114 -13.29 25.58 -2.14
N LYS B 115 -12.95 26.04 -3.35
CA LYS B 115 -13.44 25.42 -4.57
C LYS B 115 -12.68 24.14 -4.84
N ASN B 116 -13.36 23.15 -5.41
CA ASN B 116 -12.77 21.85 -5.67
C ASN B 116 -11.58 21.95 -6.63
N ARG B 117 -10.42 21.46 -6.19
CA ARG B 117 -9.20 21.54 -6.98
C ARG B 117 -9.28 20.69 -8.26
N GLU B 118 -9.81 19.47 -8.17
CA GLU B 118 -9.94 18.62 -9.34
C GLU B 118 -10.75 19.31 -10.46
N LEU B 119 -11.88 19.92 -10.09
CA LEU B 119 -12.74 20.62 -11.04
C LEU B 119 -11.99 21.73 -11.75
N GLN B 120 -11.33 22.59 -10.97
CA GLN B 120 -10.58 23.71 -11.51
C GLN B 120 -9.45 23.25 -12.45
N ILE B 121 -8.90 22.07 -12.21
CA ILE B 121 -7.88 21.52 -13.08
C ILE B 121 -8.49 20.97 -14.37
N MET B 122 -9.56 20.19 -14.24
CA MET B 122 -10.16 19.53 -15.40
C MET B 122 -10.85 20.49 -16.37
N ARG B 123 -11.22 21.68 -15.88
CA ARG B 123 -11.81 22.69 -16.74
C ARG B 123 -10.76 23.35 -17.64
N LYS B 124 -9.49 23.14 -17.31
CA LYS B 124 -8.40 23.76 -18.07
C LYS B 124 -7.73 22.77 -19.03
N LEU B 125 -8.04 21.49 -18.86
CA LEU B 125 -7.41 20.45 -19.68
C LEU B 125 -8.20 20.14 -20.95
N ASP B 126 -7.46 20.03 -22.05
CA ASP B 126 -8.06 19.69 -23.32
C ASP B 126 -7.02 18.94 -24.11
N HIS B 127 -7.04 17.62 -24.03
CA HIS B 127 -6.04 16.79 -24.69
C HIS B 127 -6.62 15.40 -24.97
N CYS B 128 -6.19 14.79 -26.07
CA CYS B 128 -6.77 13.56 -26.58
C CYS B 128 -6.45 12.34 -25.74
N ASN B 129 -5.43 12.44 -24.87
CA ASN B 129 -5.12 11.35 -23.94
C ASN B 129 -5.46 11.69 -22.50
N ILE B 130 -6.36 12.66 -22.33
CA ILE B 130 -6.93 12.94 -21.02
C ILE B 130 -8.44 12.86 -21.10
N VAL B 131 -9.02 12.11 -20.17
CA VAL B 131 -10.47 11.91 -20.13
C VAL B 131 -11.18 13.26 -20.16
N ARG B 132 -12.17 13.38 -21.03
CA ARG B 132 -12.85 14.65 -21.20
C ARG B 132 -13.94 14.92 -20.15
N LEU B 133 -13.83 16.07 -19.50
CA LEU B 133 -14.89 16.59 -18.66
C LEU B 133 -16.03 17.11 -19.55
N ARG B 134 -17.09 16.33 -19.70
CA ARG B 134 -18.21 16.73 -20.55
C ARG B 134 -19.09 17.76 -19.85
N TYR B 135 -19.44 17.51 -18.59
CA TYR B 135 -20.27 18.41 -17.81
C TYR B 135 -19.88 18.33 -16.33
N PHE B 136 -20.28 19.34 -15.54
CA PHE B 136 -20.30 19.18 -14.08
C PHE B 136 -21.56 19.85 -13.52
N PHE B 137 -22.03 19.36 -12.38
CA PHE B 137 -23.16 19.98 -11.69
C PHE B 137 -23.12 19.64 -10.20
N TYR B 138 -23.91 20.39 -9.43
CA TYR B 138 -24.03 20.16 -7.99
C TYR B 138 -25.36 19.52 -7.63
N SER B 139 -25.36 18.78 -6.53
CA SER B 139 -26.58 18.13 -6.05
C SER B 139 -26.47 17.82 -4.55
N SER B 140 -27.54 17.28 -3.99
CA SER B 140 -27.55 16.85 -2.60
C SER B 140 -27.62 15.33 -2.49
N ASP B 145 -27.64 16.81 4.46
CA ASP B 145 -27.72 18.27 4.46
C ASP B 145 -26.54 18.96 3.74
N GLU B 146 -25.78 18.20 2.95
CA GLU B 146 -24.56 18.70 2.33
C GLU B 146 -24.59 18.66 0.78
N VAL B 147 -23.63 19.34 0.15
CA VAL B 147 -23.62 19.50 -1.31
C VAL B 147 -22.61 18.61 -2.03
N TYR B 148 -23.01 18.06 -3.17
CA TYR B 148 -22.14 17.16 -3.93
C TYR B 148 -21.70 17.76 -5.26
N LEU B 149 -20.43 17.57 -5.60
CA LEU B 149 -19.93 17.92 -6.93
C LEU B 149 -19.98 16.68 -7.82
N ASN B 150 -20.63 16.80 -8.98
CA ASN B 150 -20.71 15.69 -9.94
C ASN B 150 -19.93 15.98 -11.20
N LEU B 151 -18.98 15.11 -11.52
CA LEU B 151 -18.16 15.28 -12.72
C LEU B 151 -18.59 14.29 -13.79
N VAL B 152 -19.13 14.79 -14.89
CA VAL B 152 -19.61 13.95 -15.97
C VAL B 152 -18.53 13.79 -17.04
N LEU B 153 -17.99 12.59 -17.14
CA LEU B 153 -16.88 12.29 -18.01
C LEU B 153 -17.33 11.31 -19.09
N ASP B 154 -16.73 11.43 -20.28
CA ASP B 154 -16.86 10.40 -21.31
C ASP B 154 -16.51 9.02 -20.75
N TYR B 155 -17.35 8.05 -21.04
CA TYR B 155 -17.11 6.70 -20.56
C TYR B 155 -16.10 5.98 -21.46
N VAL B 156 -15.13 5.33 -20.85
CA VAL B 156 -14.15 4.54 -21.60
C VAL B 156 -14.26 3.10 -21.09
N PRO B 157 -14.35 2.11 -22.00
CA PRO B 157 -14.78 0.77 -21.57
C PRO B 157 -13.78 -0.03 -20.73
N GLU B 158 -12.49 0.26 -20.85
CA GLU B 158 -11.49 -0.55 -20.15
C GLU B 158 -10.45 0.30 -19.41
N THR B 159 -9.60 -0.39 -18.67
CA THR B 159 -8.44 0.22 -18.02
C THR B 159 -7.21 -0.64 -18.26
N VAL B 160 -6.03 -0.05 -18.11
CA VAL B 160 -4.80 -0.82 -18.19
C VAL B 160 -4.79 -1.89 -17.08
N TYR B 161 -5.33 -1.56 -15.92
CA TYR B 161 -5.43 -2.54 -14.83
C TYR B 161 -6.21 -3.78 -15.28
N ARG B 162 -7.44 -3.59 -15.74
CA ARG B 162 -8.26 -4.72 -16.15
C ARG B 162 -7.62 -5.51 -17.30
N VAL B 163 -7.10 -4.79 -18.29
CA VAL B 163 -6.55 -5.44 -19.47
C VAL B 163 -5.30 -6.24 -19.09
N ALA B 164 -4.41 -5.64 -18.31
CA ALA B 164 -3.23 -6.32 -17.80
C ALA B 164 -3.62 -7.58 -17.04
N ARG B 165 -4.68 -7.50 -16.25
CA ARG B 165 -5.11 -8.62 -15.43
C ARG B 165 -5.55 -9.78 -16.33
N HIS B 166 -6.26 -9.48 -17.40
CA HIS B 166 -6.68 -10.52 -18.34
C HIS B 166 -5.48 -11.29 -18.92
N TYR B 167 -4.44 -10.57 -19.32
CA TYR B 167 -3.28 -11.25 -19.89
C TYR B 167 -2.55 -12.05 -18.82
N SER B 168 -2.48 -11.49 -17.63
CA SER B 168 -1.91 -12.19 -16.49
C SER B 168 -2.67 -13.48 -16.18
N ARG B 169 -4.00 -13.41 -16.17
CA ARG B 169 -4.83 -14.58 -15.89
C ARG B 169 -4.68 -15.63 -16.98
N ALA B 170 -4.50 -15.19 -18.22
CA ALA B 170 -4.33 -16.10 -19.34
C ALA B 170 -2.89 -16.60 -19.42
N LYS B 171 -2.07 -16.11 -18.49
CA LYS B 171 -0.64 -16.44 -18.44
C LYS B 171 0.06 -16.01 -19.73
N GLN B 172 -0.23 -14.80 -20.17
CA GLN B 172 0.38 -14.21 -21.36
C GLN B 172 0.71 -12.76 -21.11
N THR B 173 1.46 -12.14 -22.03
CA THR B 173 1.73 -10.73 -21.88
C THR B 173 1.03 -9.93 -22.97
N LEU B 174 0.70 -8.69 -22.65
CA LEU B 174 0.16 -7.78 -23.62
C LEU B 174 1.15 -7.61 -24.79
N PRO B 175 0.68 -7.77 -26.04
CA PRO B 175 1.53 -7.54 -27.21
C PRO B 175 2.30 -6.21 -27.15
N VAL B 176 3.55 -6.25 -27.59
CA VAL B 176 4.47 -5.11 -27.45
C VAL B 176 3.95 -3.89 -28.21
N ILE B 177 3.18 -4.11 -29.27
CA ILE B 177 2.61 -2.99 -30.01
C ILE B 177 1.64 -2.20 -29.12
N TYR B 178 0.90 -2.89 -28.25
CA TYR B 178 0.00 -2.20 -27.34
C TYR B 178 0.76 -1.49 -26.22
N VAL B 179 1.83 -2.11 -25.75
CA VAL B 179 2.67 -1.48 -24.74
C VAL B 179 3.25 -0.16 -25.30
N LYS B 180 3.71 -0.18 -26.54
CA LYS B 180 4.23 1.03 -27.17
C LYS B 180 3.14 2.07 -27.28
N LEU B 181 1.97 1.65 -27.78
CA LEU B 181 0.85 2.56 -27.98
C LEU B 181 0.40 3.20 -26.66
N TYR B 182 0.16 2.37 -25.64
CA TYR B 182 -0.40 2.88 -24.38
C TYR B 182 0.62 3.76 -23.67
N MET B 183 1.86 3.29 -23.57
CA MET B 183 2.88 4.04 -22.85
C MET B 183 3.17 5.38 -23.52
N TYR B 184 3.21 5.39 -24.85
CA TYR B 184 3.43 6.63 -25.58
C TYR B 184 2.35 7.66 -25.29
N GLN B 185 1.10 7.25 -25.40
CA GLN B 185 -0.02 8.13 -25.07
C GLN B 185 0.02 8.58 -23.59
N LEU B 186 0.39 7.69 -22.67
CA LEU B 186 0.53 8.10 -21.28
C LEU B 186 1.60 9.19 -21.18
N PHE B 187 2.74 8.98 -21.83
CA PHE B 187 3.80 10.00 -21.80
C PHE B 187 3.39 11.32 -22.43
N ARG B 188 2.56 11.28 -23.48
CA ARG B 188 2.01 12.52 -24.06
C ARG B 188 1.11 13.27 -23.07
N SER B 189 0.18 12.54 -22.43
CA SER B 189 -0.67 13.17 -21.43
C SER B 189 0.16 13.79 -20.30
N LEU B 190 1.21 13.08 -19.89
CA LEU B 190 2.12 13.64 -18.89
C LEU B 190 2.83 14.91 -19.39
N ALA B 191 3.36 14.89 -20.62
CA ALA B 191 4.00 16.08 -21.17
C ALA B 191 3.05 17.27 -21.11
N TYR B 192 1.81 17.02 -21.51
CA TYR B 192 0.80 18.07 -21.52
C TYR B 192 0.54 18.67 -20.14
N ILE B 193 0.20 17.85 -19.14
CA ILE B 193 -0.10 18.40 -17.83
C ILE B 193 1.15 19.00 -17.19
N HIS B 194 2.31 18.38 -17.42
CA HIS B 194 3.55 18.90 -16.84
C HIS B 194 3.87 20.28 -17.37
N SER B 195 3.58 20.52 -18.66
CA SER B 195 3.82 21.83 -19.27
C SER B 195 3.05 22.95 -18.59
N PHE B 196 2.05 22.60 -17.78
CA PHE B 196 1.34 23.56 -16.96
C PHE B 196 1.88 23.61 -15.53
N GLY B 197 2.80 22.73 -15.20
CA GLY B 197 3.32 22.62 -13.85
C GLY B 197 2.48 21.69 -13.00
N ILE B 198 1.45 21.11 -13.61
CA ILE B 198 0.53 20.21 -12.92
C ILE B 198 1.01 18.76 -12.88
N CYS B 199 1.28 18.26 -11.68
CA CYS B 199 1.68 16.86 -11.45
C CYS B 199 0.46 16.01 -11.08
N HIS B 200 0.34 14.84 -11.67
CA HIS B 200 -0.82 13.98 -11.42
C HIS B 200 -0.79 13.39 -10.01
N ARG B 201 0.38 12.87 -9.61
CA ARG B 201 0.66 12.35 -8.24
C ARG B 201 -0.05 11.04 -7.92
N ASP B 202 -0.72 10.42 -8.88
CA ASP B 202 -1.30 9.12 -8.62
C ASP B 202 -1.42 8.27 -9.89
N ILE B 203 -0.34 8.22 -10.66
CA ILE B 203 -0.32 7.40 -11.85
C ILE B 203 -0.24 5.94 -11.47
N LYS B 204 -1.21 5.16 -11.94
CA LYS B 204 -1.29 3.71 -11.71
C LYS B 204 -2.19 3.09 -12.78
N PRO B 205 -2.06 1.78 -13.02
CA PRO B 205 -2.85 1.13 -14.07
C PRO B 205 -4.37 1.35 -14.01
N GLN B 206 -4.94 1.52 -12.81
CA GLN B 206 -6.38 1.72 -12.68
C GLN B 206 -6.80 3.10 -13.13
N ASN B 207 -5.84 4.01 -13.25
CA ASN B 207 -6.10 5.37 -13.68
C ASN B 207 -5.83 5.58 -15.16
N LEU B 208 -5.51 4.51 -15.86
CA LEU B 208 -5.29 4.60 -17.30
C LEU B 208 -6.42 3.93 -18.06
N LEU B 209 -7.35 4.76 -18.51
CA LEU B 209 -8.49 4.30 -19.31
C LEU B 209 -8.06 3.86 -20.71
N LEU B 210 -8.68 2.80 -21.22
CA LEU B 210 -8.36 2.26 -22.54
C LEU B 210 -9.60 2.00 -23.37
N ASP B 211 -9.54 2.36 -24.65
CA ASP B 211 -10.52 1.85 -25.60
C ASP B 211 -9.80 0.81 -26.44
N PRO B 212 -10.08 -0.47 -26.19
CA PRO B 212 -9.30 -1.55 -26.78
C PRO B 212 -9.42 -1.63 -28.30
N ASP B 213 -10.51 -1.12 -28.86
CA ASP B 213 -10.73 -1.20 -30.31
C ASP B 213 -9.92 -0.15 -31.08
N THR B 214 -9.82 1.04 -30.52
CA THR B 214 -9.08 2.14 -31.13
C THR B 214 -7.67 2.26 -30.58
N ALA B 215 -7.37 1.48 -29.55
CA ALA B 215 -6.10 1.57 -28.81
C ALA B 215 -5.82 2.97 -28.28
N VAL B 216 -6.88 3.73 -27.99
CA VAL B 216 -6.71 5.06 -27.38
C VAL B 216 -6.59 4.86 -25.86
N LEU B 217 -5.67 5.60 -25.22
CA LEU B 217 -5.55 5.60 -23.77
C LEU B 217 -5.88 6.99 -23.26
N LYS B 218 -6.53 7.07 -22.09
CA LYS B 218 -6.80 8.36 -21.47
C LYS B 218 -6.50 8.33 -19.98
N LEU B 219 -5.73 9.30 -19.56
CA LEU B 219 -5.43 9.52 -18.16
C LEU B 219 -6.69 10.03 -17.45
N CYS B 220 -6.99 9.48 -16.27
CA CYS B 220 -8.11 9.99 -15.48
C CYS B 220 -7.75 10.13 -14.01
N ASP B 221 -8.75 10.48 -13.20
CA ASP B 221 -8.62 10.74 -11.76
C ASP B 221 -7.59 11.82 -11.40
N PHE B 222 -8.04 13.07 -11.39
CA PHE B 222 -7.18 14.18 -11.05
C PHE B 222 -7.41 14.66 -9.62
N GLY B 223 -7.86 13.75 -8.76
CA GLY B 223 -8.12 14.08 -7.36
C GLY B 223 -6.87 14.39 -6.56
N SER B 224 -5.73 13.86 -6.99
CA SER B 224 -4.46 14.09 -6.29
C SER B 224 -3.59 15.12 -7.00
N ALA B 225 -4.05 15.59 -8.17
CA ALA B 225 -3.22 16.42 -9.02
C ALA B 225 -3.03 17.80 -8.42
N LYS B 226 -1.85 18.35 -8.60
CA LYS B 226 -1.58 19.67 -8.05
C LYS B 226 -0.47 20.36 -8.83
N GLN B 227 -0.55 21.67 -8.96
CA GLN B 227 0.58 22.41 -9.49
C GLN B 227 1.69 22.48 -8.46
N LEU B 228 2.83 21.89 -8.81
CA LEU B 228 4.03 21.96 -7.98
C LEU B 228 4.77 23.25 -8.27
N VAL B 229 5.12 23.97 -7.20
CA VAL B 229 5.86 25.21 -7.31
C VAL B 229 7.17 25.09 -6.53
N ARG B 230 8.29 25.38 -7.20
CA ARG B 230 9.61 25.39 -6.56
C ARG B 230 9.56 26.16 -5.25
N GLY B 231 10.06 25.56 -4.18
CA GLY B 231 10.09 26.23 -2.90
C GLY B 231 8.83 26.07 -2.07
N GLU B 232 7.85 25.36 -2.61
CA GLU B 232 6.66 25.06 -1.83
C GLU B 232 6.70 23.58 -1.45
N PRO B 233 6.49 23.29 -0.16
CA PRO B 233 6.42 21.90 0.27
C PRO B 233 5.09 21.27 -0.15
N ASN B 234 5.14 19.98 -0.47
CA ASN B 234 3.93 19.21 -0.77
C ASN B 234 3.92 17.91 0.00
N VAL B 235 2.72 17.42 0.33
CA VAL B 235 2.59 16.24 1.18
C VAL B 235 3.24 15.03 0.49
N SER B 236 3.88 14.17 1.28
CA SER B 236 4.58 13.04 0.69
C SER B 236 3.73 11.78 0.60
N TYR B 237 2.54 11.81 1.19
CA TYR B 237 1.74 10.60 1.26
C TYR B 237 0.76 10.43 0.10
N ILE B 238 1.04 11.07 -1.04
CA ILE B 238 0.27 10.76 -2.24
C ILE B 238 0.93 9.63 -3.01
N CYS B 239 0.28 9.19 -4.09
CA CYS B 239 0.75 8.10 -4.97
C CYS B 239 0.49 6.77 -4.29
N SER B 240 0.26 5.76 -5.11
CA SER B 240 -0.27 4.50 -4.59
C SER B 240 0.79 3.42 -4.65
N ARG B 241 0.67 2.47 -3.72
CA ARG B 241 1.61 1.35 -3.58
C ARG B 241 1.97 0.71 -4.91
N TYR B 242 3.26 0.43 -5.07
CA TYR B 242 3.92 -0.11 -6.27
C TYR B 242 4.43 1.02 -7.17
N TYR B 243 3.75 2.16 -7.15
CA TYR B 243 4.01 3.21 -8.14
C TYR B 243 4.65 4.45 -7.53
N ARG B 244 5.05 4.38 -6.26
CA ARG B 244 5.63 5.56 -5.61
C ARG B 244 7.13 5.69 -5.86
N ALA B 245 7.55 6.88 -6.28
CA ALA B 245 8.96 7.19 -6.45
C ALA B 245 9.70 7.09 -5.11
N PRO B 246 10.97 6.69 -5.13
CA PRO B 246 11.71 6.51 -3.88
C PRO B 246 11.73 7.77 -3.02
N GLU B 247 11.79 8.96 -3.63
CA GLU B 247 11.79 10.18 -2.82
C GLU B 247 10.48 10.31 -2.01
N LEU B 248 9.39 9.80 -2.55
CA LEU B 248 8.13 9.77 -1.80
C LEU B 248 8.21 8.82 -0.60
N ILE B 249 8.74 7.62 -0.83
CA ILE B 249 8.91 6.64 0.23
C ILE B 249 9.79 7.20 1.35
N PHE B 250 10.87 7.87 0.96
CA PHE B 250 11.77 8.52 1.91
C PHE B 250 11.16 9.74 2.56
N GLY B 251 9.97 10.13 2.11
CA GLY B 251 9.23 11.20 2.75
C GLY B 251 9.60 12.60 2.31
N ALA B 252 10.12 12.75 1.10
CA ALA B 252 10.46 14.07 0.57
C ALA B 252 9.20 14.92 0.38
N THR B 253 9.30 16.20 0.72
CA THR B 253 8.22 17.13 0.44
C THR B 253 8.61 18.16 -0.63
N ASP B 254 9.78 17.99 -1.22
CA ASP B 254 10.30 18.93 -2.22
C ASP B 254 10.41 18.26 -3.58
N TYR B 255 9.64 17.20 -3.79
CA TYR B 255 9.70 16.44 -5.03
C TYR B 255 9.15 17.23 -6.21
N THR B 256 9.38 16.71 -7.42
CA THR B 256 8.90 17.37 -8.64
C THR B 256 7.95 16.48 -9.43
N SER B 257 7.65 16.92 -10.65
CA SER B 257 6.76 16.18 -11.54
C SER B 257 7.40 14.89 -12.02
N SER B 258 8.70 14.74 -11.82
CA SER B 258 9.40 13.50 -12.17
C SER B 258 8.90 12.28 -11.37
N ILE B 259 8.14 12.49 -10.29
CA ILE B 259 7.48 11.34 -9.65
C ILE B 259 6.44 10.70 -10.59
N ASP B 260 5.79 11.48 -11.46
CA ASP B 260 4.89 10.88 -12.44
C ASP B 260 5.65 9.96 -13.39
N VAL B 261 6.87 10.37 -13.70
CA VAL B 261 7.70 9.66 -14.66
C VAL B 261 8.14 8.32 -14.06
N TRP B 262 8.57 8.34 -12.80
CA TRP B 262 8.83 7.09 -12.08
C TRP B 262 7.61 6.13 -12.09
N SER B 263 6.43 6.64 -11.76
CA SER B 263 5.22 5.82 -11.80
C SER B 263 4.95 5.22 -13.20
N ALA B 264 5.12 6.03 -14.25
CA ALA B 264 4.87 5.56 -15.61
C ALA B 264 5.85 4.43 -15.96
N GLY B 265 7.10 4.63 -15.54
CA GLY B 265 8.11 3.58 -15.64
C GLY B 265 7.73 2.28 -14.95
N CYS B 266 7.12 2.37 -13.76
CA CYS B 266 6.63 1.17 -13.07
C CYS B 266 5.55 0.47 -13.91
N VAL B 267 4.66 1.26 -14.50
CA VAL B 267 3.62 0.71 -15.38
C VAL B 267 4.19 0.01 -16.60
N LEU B 268 5.12 0.68 -17.28
CA LEU B 268 5.82 0.06 -18.40
C LEU B 268 6.40 -1.29 -18.00
N ALA B 269 7.18 -1.31 -16.92
CA ALA B 269 7.84 -2.54 -16.48
C ALA B 269 6.83 -3.64 -16.15
N GLU B 270 5.76 -3.25 -15.47
CA GLU B 270 4.68 -4.17 -15.14
C GLU B 270 4.04 -4.79 -16.39
N LEU B 271 3.85 -3.98 -17.43
CA LEU B 271 3.31 -4.49 -18.69
C LEU B 271 4.28 -5.45 -19.37
N LEU B 272 5.57 -5.15 -19.29
CA LEU B 272 6.56 -6.09 -19.83
C LEU B 272 6.67 -7.35 -18.96
N LEU B 273 6.73 -7.18 -17.64
CA LEU B 273 6.98 -8.33 -16.76
C LEU B 273 5.74 -9.21 -16.55
N GLY B 274 4.55 -8.62 -16.64
CA GLY B 274 3.34 -9.36 -16.32
C GLY B 274 2.96 -9.25 -14.86
N GLN B 275 3.74 -8.49 -14.10
CA GLN B 275 3.46 -8.26 -12.68
C GLN B 275 4.26 -7.06 -12.19
N PRO B 276 3.86 -6.49 -11.04
CA PRO B 276 4.59 -5.32 -10.55
C PRO B 276 6.08 -5.58 -10.25
N ILE B 277 6.91 -4.64 -10.71
CA ILE B 277 8.37 -4.73 -10.58
C ILE B 277 8.85 -4.39 -9.16
N PHE B 278 8.15 -3.48 -8.48
CA PHE B 278 8.49 -3.21 -7.07
C PHE B 278 7.28 -3.36 -6.18
N PRO B 279 6.88 -4.62 -5.91
CA PRO B 279 5.79 -4.93 -4.98
C PRO B 279 6.22 -4.80 -3.53
N GLY B 280 5.25 -4.68 -2.63
CA GLY B 280 5.52 -4.58 -1.20
C GLY B 280 4.40 -3.84 -0.50
N ASP B 281 4.01 -4.32 0.67
CA ASP B 281 2.90 -3.69 1.38
C ASP B 281 3.41 -2.59 2.31
N SER B 282 4.74 -2.47 2.40
CA SER B 282 5.35 -1.40 3.16
C SER B 282 6.45 -0.71 2.37
N GLY B 283 6.78 0.52 2.75
CA GLY B 283 7.89 1.24 2.18
C GLY B 283 9.18 0.44 2.18
N VAL B 284 9.46 -0.23 3.29
CA VAL B 284 10.68 -1.02 3.43
C VAL B 284 10.76 -2.12 2.41
N ASP B 285 9.65 -2.83 2.20
CA ASP B 285 9.60 -3.89 1.21
C ASP B 285 9.81 -3.32 -0.20
N GLN B 286 9.12 -2.22 -0.49
CA GLN B 286 9.20 -1.60 -1.81
C GLN B 286 10.64 -1.18 -2.08
N LEU B 287 11.27 -0.59 -1.07
CA LEU B 287 12.63 -0.14 -1.20
C LEU B 287 13.60 -1.31 -1.41
N VAL B 288 13.38 -2.42 -0.71
CA VAL B 288 14.24 -3.59 -0.92
C VAL B 288 14.14 -4.08 -2.40
N GLU B 289 12.92 -4.15 -2.94
CA GLU B 289 12.73 -4.55 -4.33
C GLU B 289 13.45 -3.61 -5.31
N ILE B 290 13.38 -2.32 -5.02
CA ILE B 290 14.03 -1.32 -5.86
C ILE B 290 15.55 -1.49 -5.82
N ILE B 291 16.10 -1.66 -4.63
CA ILE B 291 17.52 -1.88 -4.48
C ILE B 291 17.96 -3.15 -5.22
N LYS B 292 17.12 -4.18 -5.22
CA LYS B 292 17.44 -5.42 -5.91
C LYS B 292 17.67 -5.18 -7.41
N VAL B 293 16.89 -4.28 -7.99
CA VAL B 293 17.01 -3.98 -9.40
C VAL B 293 18.05 -2.89 -9.68
N LEU B 294 17.90 -1.73 -9.06
CA LEU B 294 18.75 -0.57 -9.33
C LEU B 294 20.11 -0.67 -8.64
N GLY B 295 20.18 -1.48 -7.59
CA GLY B 295 21.39 -1.55 -6.81
C GLY B 295 21.33 -0.55 -5.68
N THR B 296 22.28 -0.64 -4.75
CA THR B 296 22.29 0.23 -3.60
C THR B 296 22.61 1.67 -4.03
N PRO B 297 21.76 2.62 -3.61
CA PRO B 297 21.93 4.04 -3.95
C PRO B 297 23.16 4.67 -3.31
N THR B 298 23.84 5.54 -4.06
CA THR B 298 25.02 6.24 -3.56
C THR B 298 24.64 7.32 -2.55
N ARG B 299 25.63 7.99 -2.01
CA ARG B 299 25.41 9.06 -1.05
C ARG B 299 24.77 10.26 -1.75
N GLU B 300 25.35 10.64 -2.88
CA GLU B 300 24.82 11.73 -3.68
C GLU B 300 23.38 11.43 -4.12
N GLN B 301 23.11 10.17 -4.47
CA GLN B 301 21.80 9.76 -4.93
C GLN B 301 20.71 9.91 -3.86
N ILE B 302 21.05 9.57 -2.62
CA ILE B 302 20.10 9.68 -1.51
C ILE B 302 19.79 11.14 -1.25
N ARG B 303 20.85 11.95 -1.23
CA ARG B 303 20.74 13.39 -1.05
C ARG B 303 19.70 14.03 -1.97
N GLU B 304 19.78 13.78 -3.28
CA GLU B 304 18.86 14.43 -4.20
C GLU B 304 17.46 13.80 -4.17
N MET B 305 17.31 12.72 -3.43
CA MET B 305 15.98 12.18 -3.13
C MET B 305 15.46 12.77 -1.81
N ALA B 319 23.68 -4.77 -7.58
CA ALA B 319 23.04 -4.10 -8.71
C ALA B 319 22.80 -5.08 -9.87
N HIS B 320 21.54 -5.45 -10.06
CA HIS B 320 21.15 -6.50 -11.01
C HIS B 320 20.91 -5.98 -12.44
N PRO B 321 21.52 -6.64 -13.44
CA PRO B 321 21.42 -6.28 -14.86
C PRO B 321 19.98 -6.08 -15.29
N TRP B 322 19.71 -4.98 -15.97
CA TRP B 322 18.35 -4.65 -16.38
C TRP B 322 17.82 -5.67 -17.38
N THR B 323 18.73 -6.30 -18.12
CA THR B 323 18.37 -7.32 -19.09
C THR B 323 17.86 -8.59 -18.41
N LYS B 324 18.48 -8.94 -17.30
CA LYS B 324 18.14 -10.14 -16.55
C LYS B 324 16.95 -9.93 -15.61
N VAL B 325 16.11 -8.94 -15.93
CA VAL B 325 14.94 -8.65 -15.13
C VAL B 325 13.67 -9.06 -15.87
N PHE B 326 13.68 -8.87 -17.19
CA PHE B 326 12.51 -9.15 -18.02
C PHE B 326 12.61 -10.48 -18.74
N ARG B 327 11.52 -10.88 -19.40
CA ARG B 327 11.48 -12.11 -20.20
C ARG B 327 12.58 -12.09 -21.27
N PRO B 328 13.00 -13.27 -21.74
CA PRO B 328 14.15 -13.32 -22.66
C PRO B 328 13.93 -12.59 -23.98
N ARG B 329 12.69 -12.51 -24.47
CA ARG B 329 12.43 -11.90 -25.77
C ARG B 329 12.02 -10.44 -25.66
N THR B 330 12.15 -9.87 -24.46
CA THR B 330 11.82 -8.47 -24.23
C THR B 330 12.67 -7.56 -25.10
N PRO B 331 12.03 -6.65 -25.85
CA PRO B 331 12.78 -5.75 -26.74
C PRO B 331 13.82 -4.93 -25.98
N PRO B 332 15.06 -4.90 -26.48
CA PRO B 332 16.18 -4.18 -25.87
C PRO B 332 15.85 -2.72 -25.57
N GLU B 333 15.13 -2.07 -26.50
CA GLU B 333 14.76 -0.66 -26.36
C GLU B 333 13.76 -0.41 -25.24
N ALA B 334 12.92 -1.40 -24.94
CA ALA B 334 11.96 -1.28 -23.85
C ALA B 334 12.71 -1.29 -22.51
N ILE B 335 13.71 -2.16 -22.40
CA ILE B 335 14.52 -2.24 -21.19
C ILE B 335 15.32 -0.96 -21.02
N ALA B 336 15.92 -0.49 -22.11
CA ALA B 336 16.71 0.73 -22.09
C ALA B 336 15.85 1.90 -21.61
N LEU B 337 14.61 1.95 -22.09
CA LEU B 337 13.65 2.98 -21.67
C LEU B 337 13.35 2.90 -20.16
N CYS B 338 13.06 1.69 -19.67
CA CYS B 338 12.81 1.51 -18.24
C CYS B 338 13.95 2.06 -17.40
N SER B 339 15.18 1.78 -17.81
CA SER B 339 16.33 2.18 -17.00
C SER B 339 16.49 3.70 -16.97
N ARG B 340 15.88 4.40 -17.93
CA ARG B 340 16.02 5.85 -17.99
C ARG B 340 14.85 6.54 -17.32
N LEU B 341 13.79 5.78 -17.05
CA LEU B 341 12.67 6.28 -16.27
C LEU B 341 12.88 5.98 -14.78
N LEU B 342 13.35 4.78 -14.49
CA LEU B 342 13.45 4.33 -13.11
C LEU B 342 14.82 4.66 -12.53
N GLU B 343 15.06 5.94 -12.31
CA GLU B 343 16.33 6.45 -11.81
C GLU B 343 16.17 6.97 -10.40
N TYR B 344 17.14 6.70 -9.55
CA TYR B 344 17.12 7.24 -8.20
C TYR B 344 17.05 8.76 -8.24
N THR B 345 18.01 9.36 -8.94
CA THR B 345 18.10 10.82 -9.03
C THR B 345 16.96 11.38 -9.87
N PRO B 346 16.07 12.14 -9.23
CA PRO B 346 14.86 12.60 -9.93
C PRO B 346 15.17 13.41 -11.19
N THR B 347 16.24 14.20 -11.17
CA THR B 347 16.57 15.02 -12.34
C THR B 347 17.20 14.21 -13.47
N ALA B 348 17.56 12.95 -13.20
CA ALA B 348 18.19 12.12 -14.23
C ALA B 348 17.15 11.37 -15.07
N ARG B 349 15.92 11.31 -14.58
CA ARG B 349 14.85 10.64 -15.30
C ARG B 349 14.53 11.41 -16.58
N LEU B 350 14.14 10.71 -17.64
CA LEU B 350 13.61 11.38 -18.83
C LEU B 350 12.38 12.21 -18.50
N THR B 351 12.24 13.35 -19.15
CA THR B 351 10.98 14.06 -19.13
C THR B 351 10.00 13.25 -19.97
N PRO B 352 8.69 13.49 -19.80
CA PRO B 352 7.70 12.79 -20.62
C PRO B 352 7.92 13.00 -22.13
N LEU B 353 8.32 14.19 -22.52
CA LEU B 353 8.51 14.49 -23.93
C LEU B 353 9.71 13.73 -24.50
N GLU B 354 10.82 13.72 -23.75
CA GLU B 354 11.98 12.92 -24.15
C GLU B 354 11.61 11.44 -24.26
N ALA B 355 10.71 10.96 -23.39
CA ALA B 355 10.33 9.55 -23.40
C ALA B 355 9.56 9.21 -24.67
N CYS B 356 8.60 10.07 -25.02
CA CYS B 356 7.92 9.94 -26.31
C CYS B 356 8.92 9.82 -27.47
N ALA B 357 10.04 10.54 -27.36
CA ALA B 357 11.04 10.56 -28.43
C ALA B 357 11.97 9.35 -28.39
N HIS B 358 11.77 8.47 -27.42
CA HIS B 358 12.64 7.31 -27.28
C HIS B 358 12.55 6.33 -28.47
N SER B 359 13.63 5.63 -28.76
CA SER B 359 13.65 4.70 -29.89
C SER B 359 12.67 3.52 -29.72
N PHE B 360 12.25 3.25 -28.49
CA PHE B 360 11.24 2.21 -28.25
C PHE B 360 9.94 2.54 -28.99
N PHE B 361 9.68 3.83 -29.20
CA PHE B 361 8.46 4.24 -29.90
C PHE B 361 8.63 4.45 -31.42
N ASP B 362 9.82 4.15 -31.94
CA ASP B 362 10.10 4.38 -33.36
C ASP B 362 9.05 3.72 -34.27
N GLU B 363 8.73 2.46 -34.00
CA GLU B 363 7.72 1.73 -34.77
C GLU B 363 6.41 2.51 -34.93
N LEU B 364 6.05 3.27 -33.90
CA LEU B 364 4.82 4.06 -33.95
C LEU B 364 4.87 5.16 -35.00
N ARG B 365 6.07 5.67 -35.27
CA ARG B 365 6.24 6.76 -36.23
C ARG B 365 6.36 6.25 -37.67
N ASP B 366 6.30 4.94 -37.85
CA ASP B 366 6.23 4.36 -39.19
C ASP B 366 4.86 4.61 -39.82
N PRO B 367 4.83 5.21 -41.02
CA PRO B 367 3.57 5.46 -41.73
C PRO B 367 2.73 4.19 -41.92
N ASN B 368 3.42 3.07 -42.10
CA ASN B 368 2.79 1.81 -42.45
C ASN B 368 2.18 1.05 -41.28
N VAL B 369 2.50 1.45 -40.05
CA VAL B 369 2.08 0.69 -38.88
C VAL B 369 0.55 0.69 -38.73
N LYS B 370 -0.01 -0.50 -38.60
CA LYS B 370 -1.45 -0.65 -38.37
C LYS B 370 -1.71 -1.44 -37.08
N LEU B 371 -2.95 -1.38 -36.60
CA LEU B 371 -3.38 -2.13 -35.42
C LEU B 371 -3.62 -3.62 -35.75
N PRO B 372 -3.45 -4.51 -34.76
CA PRO B 372 -3.65 -5.95 -34.99
C PRO B 372 -5.03 -6.28 -35.54
N ASN B 373 -6.03 -5.47 -35.25
CA ASN B 373 -7.37 -5.72 -35.76
C ASN B 373 -7.59 -5.08 -37.14
N GLY B 374 -6.63 -4.29 -37.60
CA GLY B 374 -6.66 -3.80 -38.97
C GLY B 374 -6.78 -2.29 -39.16
N ARG B 375 -7.14 -1.56 -38.11
CA ARG B 375 -7.38 -0.12 -38.26
C ARG B 375 -6.11 0.69 -38.03
N ASP B 376 -6.19 1.99 -38.26
CA ASP B 376 -5.02 2.83 -38.12
C ASP B 376 -4.78 3.12 -36.66
N THR B 377 -3.58 3.60 -36.37
CA THR B 377 -3.26 4.08 -35.07
C THR B 377 -4.19 5.24 -34.76
N PRO B 378 -4.39 5.53 -33.47
CA PRO B 378 -5.04 6.77 -33.07
C PRO B 378 -4.11 7.93 -33.35
N ALA B 379 -4.58 9.16 -33.15
CA ALA B 379 -3.74 10.34 -33.27
C ALA B 379 -2.52 10.25 -32.35
N LEU B 380 -1.33 10.42 -32.92
CA LEU B 380 -0.09 10.35 -32.12
C LEU B 380 0.84 11.55 -32.31
N PHE B 381 0.55 12.39 -33.30
CA PHE B 381 1.52 13.42 -33.72
C PHE B 381 0.98 14.85 -33.73
N ASN B 382 -0.29 15.03 -33.42
CA ASN B 382 -0.90 16.35 -33.39
C ASN B 382 -0.41 17.19 -32.18
N PHE B 383 0.91 17.32 -32.04
CA PHE B 383 1.49 18.05 -30.91
C PHE B 383 1.22 19.53 -30.98
N THR B 384 0.85 20.13 -29.85
CA THR B 384 0.72 21.58 -29.80
C THR B 384 2.01 22.21 -29.28
N THR B 385 2.14 23.51 -29.50
CA THR B 385 3.23 24.30 -28.94
C THR B 385 3.29 24.10 -27.44
N GLN B 386 2.13 24.12 -26.81
CA GLN B 386 2.02 23.88 -25.37
C GLN B 386 2.66 22.53 -25.00
N GLU B 387 2.28 21.49 -25.73
CA GLU B 387 2.82 20.16 -25.48
C GLU B 387 4.34 20.11 -25.66
N LEU B 388 4.84 20.84 -26.67
CA LEU B 388 6.25 20.79 -27.02
C LEU B 388 7.12 21.75 -26.20
N SER B 389 6.48 22.68 -25.48
CA SER B 389 7.18 23.82 -24.86
C SER B 389 8.38 23.49 -23.95
N SER B 390 8.45 22.30 -23.36
CA SER B 390 9.59 22.02 -22.48
C SER B 390 10.83 21.74 -23.32
N ASN B 391 10.64 21.36 -24.57
CA ASN B 391 11.78 21.08 -25.43
C ASN B 391 11.44 21.11 -26.93
N PRO B 392 11.09 22.29 -27.45
CA PRO B 392 10.60 22.41 -28.83
C PRO B 392 11.44 21.67 -29.88
N PRO B 393 12.79 21.70 -29.81
CA PRO B 393 13.52 20.94 -30.84
C PRO B 393 13.23 19.44 -30.91
N LEU B 394 12.55 18.87 -29.90
CA LEU B 394 12.23 17.45 -29.94
C LEU B 394 11.19 17.15 -31.01
N ALA B 395 10.49 18.20 -31.44
CA ALA B 395 9.56 18.10 -32.56
C ALA B 395 10.23 17.43 -33.77
N THR B 396 11.54 17.60 -33.88
CA THR B 396 12.38 16.97 -34.91
C THR B 396 12.14 15.47 -35.05
N ILE B 397 11.92 14.82 -33.91
CA ILE B 397 11.75 13.38 -33.81
C ILE B 397 10.27 13.03 -33.67
N LEU B 398 9.55 13.78 -32.85
CA LEU B 398 8.17 13.46 -32.49
C LEU B 398 7.17 13.54 -33.65
N ILE B 399 7.40 14.44 -34.59
CA ILE B 399 6.49 14.60 -35.71
C ILE B 399 7.14 14.05 -36.98
N PRO B 400 6.83 12.79 -37.32
CA PRO B 400 7.45 12.10 -38.46
C PRO B 400 7.21 12.82 -39.79
N PRO B 401 8.06 12.56 -40.79
CA PRO B 401 7.89 13.20 -42.11
C PRO B 401 6.47 13.09 -42.65
N HIS B 402 5.81 11.94 -42.53
CA HIS B 402 4.52 11.78 -43.19
C HIS B 402 3.43 12.59 -42.51
N ALA B 403 3.64 12.90 -41.24
CA ALA B 403 2.70 13.71 -40.46
C ALA B 403 2.94 15.19 -40.73
N ARG B 404 4.02 15.46 -41.43
CA ARG B 404 4.42 16.81 -41.76
C ARG B 404 3.91 17.23 -43.14
N ILE B 405 3.14 16.37 -43.79
CA ILE B 405 2.77 16.58 -45.20
C ILE B 405 1.50 17.41 -45.37
N GLN B 406 1.56 18.40 -46.27
CA GLN B 406 0.35 19.00 -46.81
C GLN B 406 -0.27 17.99 -47.79
#